data_5HO9
#
_entry.id   5HO9
#
_cell.length_a   129.172
_cell.length_b   129.172
_cell.length_c   488.364
_cell.angle_alpha   90.00
_cell.angle_beta   90.00
_cell.angle_gamma   120.00
#
_symmetry.space_group_name_H-M   'P 61 2 2'
#
loop_
_entity.id
_entity.type
_entity.pdbx_description
1 polymer 'Extracellular arabinanase'
2 branched alpha-L-arabinofuranose-(1-5)-alpha-L-arabinofuranose-(1-5)-alpha-L-arabinofuranose-(1-5)-alpha-L-arabinofuranose-(1-5)-alpha-L-arabinofuranose-(1-5)-alpha-L-arabinofuranose-(1-5)-alpha-L-arabinofuranose-(1-5)-alpha-L-arabinofuranose
3 non-polymer 'SULFATE ION'
4 non-polymer DI(HYDROXYETHYL)ETHER
5 water water
#
_entity_poly.entity_id   1
_entity_poly.type   'polypeptide(L)'
_entity_poly.pdbx_seq_one_letter_code
;MKRRSLKGIALFLLIVAVCLSSATLGRGEEKHTGENVRQNQKVKDPQFTNVSVHDPSIVKDGDTYYIFGSHIEAAKSKDL
MNWEKFTNGYTTPNNKLYGDLSKNLAGSFKWAGENDADSKGGFAVWAPDVFWNKDYVNEDGTKGAYMIYYSVSSTYIRSA
IGYAVSKHIEGPYKYVDTIVYSGFTKEEAYDANSKINKKWTNTNIPKLIEQGKLKGVRADWFHNDGSYNNRDFPNAIDPN
LFYDEKGNLWMAYGSWSGGIFVLPMDKTTGKPIYPGKDGKTPDGRLVDRYFGIKIAGGYYQSGEGTYIVYDKNTDYYYLY
VTYGWLGADGGYNMRQFRSTSPTGPYVDAKGQSAVLPGEVDNSPYGNKIMGNFLFERKVGDPGTGIGVGYVSPGHNSVYL
DRKTGQQFLVFHTRFPQSGEYHEVRVHQMFMNKNGWPVVAPYRYAGEKLEKVNKQDVVGEYQLINHGKDYSADIKKQIFV
RLNRNNTISGDATGTWRKIGHNQAEITIDGETYDGVFVRQWDPTSKRYVMAFTALSNEGVSIWGSKLADKTDEEIVEDVA
SDLDLGDTDHVVSNLHLPTEGTRHTVISWTTSDAKVVSETGVVHRPEVGSAPVTATLTATITKGDATATKVFHITVLPY
;
_entity_poly.pdbx_strand_id   A,B
#
# COMPACT_ATOMS: atom_id res chain seq x y z
N LYS A 44 29.19 1.99 9.00
CA LYS A 44 29.20 1.01 10.08
C LYS A 44 27.77 0.61 10.43
N ASP A 45 26.81 1.30 9.80
CA ASP A 45 25.40 0.99 9.97
C ASP A 45 25.10 -0.41 9.44
N PRO A 46 24.32 -1.20 10.19
CA PRO A 46 23.95 -2.56 9.80
C PRO A 46 23.19 -2.57 8.48
N GLN A 47 23.42 -3.60 7.67
CA GLN A 47 22.62 -3.76 6.45
C GLN A 47 21.74 -4.99 6.60
N PHE A 48 20.48 -4.86 6.16
CA PHE A 48 19.55 -5.98 6.16
C PHE A 48 19.03 -6.30 4.77
N THR A 49 18.86 -7.59 4.50
CA THR A 49 18.17 -8.04 3.30
C THR A 49 17.10 -9.06 3.68
N ASN A 50 15.84 -8.72 3.47
CA ASN A 50 14.74 -9.54 3.96
C ASN A 50 14.20 -10.56 2.98
N VAL A 51 13.55 -11.59 3.51
CA VAL A 51 12.87 -12.58 2.71
C VAL A 51 11.62 -13.03 3.43
N SER A 52 10.64 -13.47 2.64
CA SER A 52 9.37 -13.89 3.17
C SER A 52 9.34 -15.40 3.17
N VAL A 53 9.70 -15.99 4.30
CA VAL A 53 9.58 -17.43 4.47
C VAL A 53 8.66 -17.67 5.65
N HIS A 54 7.54 -18.34 5.41
CA HIS A 54 6.59 -18.53 6.49
C HIS A 54 6.98 -19.74 7.33
N ASP A 55 6.88 -19.62 8.65
CA ASP A 55 7.27 -20.69 9.56
C ASP A 55 8.72 -21.18 9.31
N PRO A 56 9.70 -20.27 9.49
CA PRO A 56 11.10 -20.62 9.23
C PRO A 56 11.62 -21.62 10.26
N SER A 57 12.55 -22.45 9.83
CA SER A 57 13.12 -23.47 10.66
C SER A 57 14.59 -23.52 10.31
N ILE A 58 15.41 -22.92 11.16
CA ILE A 58 16.82 -22.71 10.88
C ILE A 58 17.62 -24.00 11.03
N VAL A 59 18.68 -24.09 10.23
CA VAL A 59 19.70 -25.12 10.38
C VAL A 59 21.02 -24.56 9.85
N LYS A 60 22.14 -24.92 10.46
CA LYS A 60 23.42 -24.42 9.96
C LYS A 60 24.10 -25.54 9.21
N ASP A 61 24.62 -25.22 8.03
CA ASP A 61 25.39 -26.17 7.28
C ASP A 61 26.73 -25.54 6.91
N GLY A 62 27.74 -25.84 7.71
CA GLY A 62 29.04 -25.24 7.56
C GLY A 62 28.96 -23.73 7.70
N ASP A 63 29.60 -23.03 6.77
CA ASP A 63 29.66 -21.57 6.72
C ASP A 63 28.29 -20.88 6.60
N THR A 64 27.27 -21.64 6.19
CA THR A 64 25.99 -21.07 5.78
C THR A 64 24.79 -21.44 6.67
N TYR A 65 23.95 -20.44 6.98
CA TYR A 65 22.66 -20.68 7.68
C TYR A 65 21.50 -20.88 6.70
N TYR A 66 20.68 -21.90 6.97
CA TYR A 66 19.50 -22.19 6.16
C TYR A 66 18.21 -22.12 6.96
N ILE A 67 17.15 -21.60 6.36
CA ILE A 67 15.83 -21.70 6.97
C ILE A 67 14.84 -22.35 6.00
N PHE A 68 14.01 -23.25 6.52
CA PHE A 68 13.00 -23.94 5.69
C PHE A 68 11.60 -23.68 6.20
N GLY A 69 10.79 -23.05 5.34
CA GLY A 69 9.44 -22.68 5.72
C GLY A 69 8.36 -23.47 5.02
N SER A 70 7.11 -23.12 5.33
CA SER A 70 5.96 -23.64 4.63
C SER A 70 6.01 -23.36 3.12
N HIS A 71 5.22 -24.12 2.37
CA HIS A 71 5.05 -23.91 0.92
C HIS A 71 6.33 -24.01 0.13
N ILE A 72 7.19 -24.94 0.52
CA ILE A 72 8.45 -25.22 -0.17
C ILE A 72 9.21 -23.92 -0.43
N GLU A 73 9.32 -23.15 0.63
CA GLU A 73 10.05 -21.91 0.61
C GLU A 73 11.26 -22.05 1.49
N ALA A 74 12.40 -21.56 1.03
CA ALA A 74 13.65 -21.67 1.81
C ALA A 74 14.72 -20.64 1.41
N ALA A 75 15.49 -20.16 2.39
CA ALA A 75 16.51 -19.13 2.16
C ALA A 75 17.79 -19.36 2.95
N LYS A 76 18.89 -18.76 2.49
CA LYS A 76 20.18 -18.91 3.16
C LYS A 76 20.82 -17.56 3.50
N SER A 77 21.60 -17.58 4.59
CA SER A 77 22.37 -16.43 5.07
C SER A 77 23.73 -16.84 5.55
N LYS A 78 24.70 -15.91 5.47
CA LYS A 78 25.99 -16.14 6.11
C LYS A 78 26.11 -15.36 7.43
N ASP A 79 25.12 -14.52 7.71
CA ASP A 79 25.21 -13.59 8.86
C ASP A 79 23.90 -13.31 9.64
N LEU A 80 22.86 -14.09 9.40
CA LEU A 80 21.54 -13.89 10.02
C LEU A 80 20.94 -12.48 9.82
N MET A 81 21.44 -11.73 8.85
CA MET A 81 20.95 -10.38 8.57
C MET A 81 20.58 -10.24 7.10
N ASN A 82 21.41 -10.80 6.23
CA ASN A 82 21.14 -10.74 4.80
C ASN A 82 20.80 -12.10 4.23
N TRP A 83 19.53 -12.29 3.90
CA TRP A 83 19.00 -13.56 3.38
C TRP A 83 18.76 -13.52 1.88
N GLU A 84 19.06 -14.64 1.23
CA GLU A 84 18.74 -14.81 -0.18
C GLU A 84 17.83 -16.01 -0.28
N LYS A 85 16.69 -15.85 -0.94
CA LYS A 85 15.82 -16.99 -1.19
C LYS A 85 16.38 -17.79 -2.37
N PHE A 86 16.26 -19.12 -2.35
CA PHE A 86 16.72 -19.94 -3.48
C PHE A 86 15.67 -20.92 -4.06
N THR A 87 14.43 -20.86 -3.57
CA THR A 87 13.44 -21.85 -3.97
C THR A 87 12.42 -21.28 -4.96
N ASN A 88 11.64 -22.16 -5.56
CA ASN A 88 10.63 -21.74 -6.53
C ASN A 88 9.22 -21.99 -6.00
N GLY A 89 9.13 -22.39 -4.75
CA GLY A 89 7.85 -22.50 -4.10
C GLY A 89 7.12 -23.78 -4.43
N TYR A 90 5.85 -23.66 -4.82
CA TYR A 90 5.01 -24.80 -5.15
C TYR A 90 5.14 -25.21 -6.63
N THR A 91 6.06 -24.55 -7.34
CA THR A 91 6.28 -24.82 -8.76
C THR A 91 6.59 -26.30 -8.97
N THR A 92 5.94 -26.90 -9.95
CA THR A 92 6.16 -28.30 -10.24
C THR A 92 5.87 -28.56 -11.73
N PRO A 93 6.71 -29.39 -12.36
CA PRO A 93 7.90 -29.98 -11.74
C PRO A 93 9.11 -29.08 -11.86
N ASN A 94 10.30 -29.65 -11.65
CA ASN A 94 11.55 -28.91 -11.47
C ASN A 94 11.50 -28.10 -10.17
N ASN A 95 10.60 -28.52 -9.27
CA ASN A 95 10.51 -27.98 -7.91
C ASN A 95 11.86 -28.04 -7.22
N LYS A 96 12.35 -26.90 -6.73
CA LYS A 96 13.72 -26.78 -6.23
C LYS A 96 14.04 -27.74 -5.09
N LEU A 97 13.03 -28.14 -4.33
CA LEU A 97 13.26 -28.98 -3.17
C LEU A 97 12.86 -30.42 -3.44
N TYR A 98 11.81 -30.62 -4.22
CA TYR A 98 11.23 -31.94 -4.38
C TYR A 98 11.16 -32.47 -5.80
N GLY A 99 11.52 -31.65 -6.79
CA GLY A 99 11.55 -32.08 -8.18
C GLY A 99 10.16 -32.24 -8.78
N ASP A 100 9.69 -33.47 -8.92
CA ASP A 100 8.32 -33.67 -9.33
C ASP A 100 7.51 -33.80 -8.05
N LEU A 101 6.96 -32.67 -7.61
CA LEU A 101 6.25 -32.59 -6.34
C LEU A 101 5.18 -33.67 -6.21
N SER A 102 4.34 -33.82 -7.23
CA SER A 102 3.18 -34.67 -7.09
C SER A 102 3.52 -36.16 -7.09
N LYS A 103 4.50 -36.56 -7.89
CA LYS A 103 4.80 -37.99 -8.00
C LYS A 103 5.68 -38.41 -6.81
N ASN A 104 6.64 -37.57 -6.47
CA ASN A 104 7.59 -37.85 -5.39
C ASN A 104 6.89 -38.05 -4.03
N LEU A 105 6.17 -37.03 -3.59
CA LEU A 105 5.54 -37.05 -2.28
C LEU A 105 4.14 -37.68 -2.31
N ALA A 106 3.89 -38.55 -3.30
CA ALA A 106 2.56 -39.09 -3.54
C ALA A 106 2.12 -40.03 -2.44
N GLY A 107 3.10 -40.61 -1.75
CA GLY A 107 2.84 -41.46 -0.60
C GLY A 107 2.06 -40.68 0.46
N SER A 108 2.38 -39.39 0.59
CA SER A 108 1.70 -38.50 1.53
C SER A 108 0.43 -37.92 0.93
N PHE A 109 0.44 -37.61 -0.36
CA PHE A 109 -0.75 -37.01 -0.96
C PHE A 109 -1.93 -38.01 -1.11
N LYS A 110 -1.68 -39.32 -1.02
CA LYS A 110 -2.80 -40.27 -0.94
C LYS A 110 -3.72 -40.01 0.26
N TRP A 111 -3.24 -39.24 1.24
CA TRP A 111 -3.98 -39.00 2.48
C TRP A 111 -4.47 -37.56 2.61
N ALA A 112 -3.60 -36.61 2.30
CA ALA A 112 -3.98 -35.20 2.32
C ALA A 112 -2.97 -34.30 1.61
N GLY A 113 -3.39 -33.08 1.31
CA GLY A 113 -2.47 -32.05 0.87
C GLY A 113 -2.27 -31.85 -0.63
N GLU A 114 -3.13 -32.47 -1.44
CA GLU A 114 -3.06 -32.33 -2.90
C GLU A 114 -4.44 -32.28 -3.54
N ASN A 115 -4.78 -31.14 -4.14
CA ASN A 115 -6.05 -30.97 -4.85
C ASN A 115 -7.24 -31.47 -4.05
N ASP A 116 -7.18 -31.35 -2.73
CA ASP A 116 -8.15 -32.01 -1.87
C ASP A 116 -8.61 -31.12 -0.70
N ALA A 117 -9.93 -31.03 -0.54
CA ALA A 117 -10.60 -30.22 0.49
C ALA A 117 -10.05 -28.80 0.56
N ASP A 118 -9.39 -28.46 1.68
CA ASP A 118 -8.81 -27.13 1.88
C ASP A 118 -7.58 -26.86 0.97
N SER A 119 -7.00 -27.92 0.40
CA SER A 119 -6.00 -27.76 -0.67
C SER A 119 -6.59 -28.01 -2.07
N LYS A 120 -7.86 -27.63 -2.27
CA LYS A 120 -8.46 -27.69 -3.59
C LYS A 120 -7.63 -26.89 -4.58
N GLY A 121 -7.40 -27.46 -5.76
CA GLY A 121 -6.64 -26.82 -6.82
C GLY A 121 -5.26 -26.31 -6.45
N GLY A 122 -4.64 -26.91 -5.45
CA GLY A 122 -3.29 -26.54 -5.05
C GLY A 122 -2.56 -27.67 -4.35
N PHE A 123 -1.49 -27.30 -3.65
CA PHE A 123 -0.83 -28.19 -2.70
C PHE A 123 -0.81 -27.56 -1.33
N ALA A 124 -0.51 -28.35 -0.32
CA ALA A 124 -0.31 -27.82 1.03
C ALA A 124 0.82 -28.59 1.72
N VAL A 125 2.02 -28.03 1.69
CA VAL A 125 3.20 -28.62 2.34
C VAL A 125 3.74 -27.67 3.44
N TRP A 126 3.38 -27.99 4.68
CA TRP A 126 3.51 -27.03 5.78
C TRP A 126 4.65 -27.27 6.76
N ALA A 127 5.26 -26.18 7.20
CA ALA A 127 6.06 -26.17 8.44
C ALA A 127 7.03 -27.33 8.55
N PRO A 128 8.10 -27.33 7.75
CA PRO A 128 9.03 -28.45 7.84
C PRO A 128 10.10 -28.25 8.89
N ASP A 129 10.93 -29.26 9.07
CA ASP A 129 12.19 -29.11 9.78
C ASP A 129 13.26 -29.87 9.01
N VAL A 130 14.49 -29.35 9.01
CA VAL A 130 15.59 -29.98 8.28
C VAL A 130 16.82 -30.15 9.17
N PHE A 131 17.50 -31.29 9.06
CA PHE A 131 18.75 -31.49 9.79
C PHE A 131 19.66 -32.53 9.17
N TRP A 132 20.90 -32.56 9.63
CA TRP A 132 21.86 -33.56 9.16
C TRP A 132 21.89 -34.78 10.07
N ASN A 133 21.48 -35.92 9.54
CA ASN A 133 21.53 -37.17 10.30
C ASN A 133 22.74 -38.03 9.93
N LYS A 134 23.82 -37.94 10.72
CA LYS A 134 25.03 -38.71 10.47
C LYS A 134 24.82 -40.22 10.58
N ASP A 135 23.68 -40.61 11.16
CA ASP A 135 23.37 -42.01 11.46
C ASP A 135 22.41 -42.69 10.45
N TYR A 136 21.85 -41.91 9.52
CA TYR A 136 20.83 -42.42 8.58
C TYR A 136 21.42 -43.32 7.50
N VAL A 137 20.93 -44.55 7.44
CA VAL A 137 21.36 -45.51 6.43
C VAL A 137 20.66 -45.30 5.08
N ASN A 138 21.42 -44.90 4.07
CA ASN A 138 20.86 -44.63 2.75
C ASN A 138 20.39 -45.88 2.01
N GLU A 139 19.79 -45.67 0.84
CA GLU A 139 19.36 -46.76 -0.04
C GLU A 139 20.55 -47.57 -0.53
N ASP A 140 21.71 -46.92 -0.63
CA ASP A 140 22.93 -47.57 -1.09
C ASP A 140 23.88 -47.97 0.05
N GLY A 141 23.33 -48.17 1.25
CA GLY A 141 24.12 -48.68 2.36
C GLY A 141 25.11 -47.73 3.03
N THR A 142 25.43 -46.62 2.37
CA THR A 142 26.28 -45.60 2.97
C THR A 142 25.50 -44.84 4.04
N LYS A 143 26.19 -44.34 5.07
CA LYS A 143 25.50 -43.62 6.14
C LYS A 143 25.73 -42.10 6.08
N GLY A 144 24.66 -41.35 6.33
CA GLY A 144 24.69 -39.90 6.32
C GLY A 144 23.78 -39.28 5.27
N ALA A 145 22.84 -38.44 5.71
CA ALA A 145 21.90 -37.79 4.80
C ALA A 145 21.21 -36.60 5.45
N TYR A 146 20.76 -35.66 4.62
CA TYR A 146 19.92 -34.58 5.10
C TYR A 146 18.46 -35.06 5.14
N MET A 147 17.76 -34.76 6.22
CA MET A 147 16.36 -35.11 6.30
C MET A 147 15.45 -33.89 6.42
N ILE A 148 14.41 -33.85 5.59
CA ILE A 148 13.37 -32.83 5.74
C ILE A 148 12.07 -33.50 6.19
N TYR A 149 11.62 -33.15 7.38
CA TYR A 149 10.34 -33.67 7.84
C TYR A 149 9.24 -32.64 7.57
N TYR A 150 8.23 -33.04 6.78
CA TYR A 150 7.22 -32.09 6.34
C TYR A 150 5.83 -32.48 6.82
N SER A 151 4.88 -31.55 6.66
CA SER A 151 3.45 -31.78 6.90
C SER A 151 2.68 -31.67 5.59
N VAL A 152 1.66 -32.52 5.42
CA VAL A 152 0.63 -32.25 4.42
C VAL A 152 -0.72 -32.19 5.14
N SER A 153 -1.64 -31.38 4.62
CA SER A 153 -2.92 -31.19 5.31
C SER A 153 -4.07 -30.85 4.34
N SER A 154 -5.28 -31.25 4.70
CA SER A 154 -6.45 -30.98 3.87
C SER A 154 -7.65 -30.50 4.70
N THR A 155 -7.65 -30.77 6.00
CA THR A 155 -8.63 -30.13 6.88
C THR A 155 -7.93 -29.67 8.14
N TYR A 156 -8.71 -29.15 9.08
CA TYR A 156 -8.16 -28.78 10.37
C TYR A 156 -7.66 -30.00 11.13
N ILE A 157 -8.20 -31.19 10.85
CA ILE A 157 -7.73 -32.42 11.51
C ILE A 157 -7.09 -33.49 10.63
N ARG A 158 -7.52 -33.60 9.37
CA ARG A 158 -6.94 -34.63 8.50
C ARG A 158 -5.63 -34.14 7.89
N SER A 159 -4.53 -34.73 8.35
CA SER A 159 -3.20 -34.32 7.91
C SER A 159 -2.18 -35.38 8.30
N ALA A 160 -0.96 -35.26 7.79
CA ALA A 160 0.06 -36.26 8.12
C ALA A 160 1.48 -35.75 8.01
N ILE A 161 2.39 -36.40 8.71
CA ILE A 161 3.80 -36.03 8.66
C ILE A 161 4.58 -37.09 7.90
N GLY A 162 5.41 -36.64 6.96
CA GLY A 162 6.26 -37.53 6.21
C GLY A 162 7.61 -36.86 6.00
N TYR A 163 8.55 -37.61 5.43
CA TYR A 163 9.90 -37.09 5.26
C TYR A 163 10.64 -37.57 4.01
N ALA A 164 11.71 -36.85 3.68
CA ALA A 164 12.48 -37.09 2.47
C ALA A 164 13.95 -36.80 2.74
N VAL A 165 14.84 -37.49 2.04
CA VAL A 165 16.27 -37.39 2.31
C VAL A 165 17.03 -36.90 1.09
N SER A 166 18.30 -36.53 1.27
CA SER A 166 19.07 -35.93 0.18
C SER A 166 20.56 -35.84 0.49
N LYS A 167 21.36 -35.91 -0.57
CA LYS A 167 22.80 -35.82 -0.50
C LYS A 167 23.21 -34.38 -0.16
N HIS A 168 22.41 -33.44 -0.63
CA HIS A 168 22.71 -32.02 -0.46
C HIS A 168 21.54 -31.30 0.18
N ILE A 169 21.85 -30.35 1.06
CA ILE A 169 20.83 -29.71 1.88
C ILE A 169 19.87 -28.86 1.06
N GLU A 170 20.31 -28.39 -0.10
CA GLU A 170 19.46 -27.58 -0.98
C GLU A 170 18.57 -28.48 -1.85
N GLY A 171 18.58 -29.78 -1.54
CA GLY A 171 17.83 -30.75 -2.33
C GLY A 171 18.61 -31.25 -3.53
N PRO A 172 17.94 -32.02 -4.41
CA PRO A 172 16.51 -32.30 -4.27
C PRO A 172 16.27 -33.48 -3.34
N TYR A 173 15.25 -33.39 -2.49
CA TYR A 173 14.95 -34.44 -1.53
C TYR A 173 14.13 -35.57 -2.16
N LYS A 174 14.18 -36.73 -1.54
CA LYS A 174 13.59 -37.93 -2.11
C LYS A 174 12.80 -38.69 -1.05
N TYR A 175 11.49 -38.80 -1.27
CA TYR A 175 10.55 -39.40 -0.31
C TYR A 175 11.08 -40.65 0.36
N VAL A 176 10.65 -40.88 1.59
CA VAL A 176 10.96 -42.11 2.30
C VAL A 176 9.67 -42.76 2.80
N ASP A 177 8.90 -42.04 3.61
CA ASP A 177 7.68 -42.60 4.19
C ASP A 177 6.71 -41.52 4.73
N THR A 178 5.51 -41.94 5.10
CA THR A 178 4.56 -41.09 5.81
C THR A 178 4.30 -41.77 7.15
N ILE A 179 4.68 -41.10 8.25
CA ILE A 179 4.77 -41.76 9.55
C ILE A 179 3.66 -41.48 10.57
N VAL A 180 3.03 -40.30 10.55
CA VAL A 180 1.96 -40.03 11.51
C VAL A 180 0.72 -39.43 10.86
N TYR A 181 -0.43 -40.07 11.05
CA TYR A 181 -1.67 -39.61 10.45
C TYR A 181 -2.60 -39.08 11.53
N SER A 182 -3.48 -38.16 11.13
CA SER A 182 -4.59 -37.73 11.98
C SER A 182 -5.82 -37.45 11.12
N GLY A 183 -6.98 -37.35 11.77
CA GLY A 183 -8.20 -37.07 11.05
C GLY A 183 -8.77 -38.31 10.36
N PHE A 184 -8.30 -39.48 10.78
CA PHE A 184 -8.82 -40.75 10.32
C PHE A 184 -10.09 -41.11 11.10
N THR A 185 -10.94 -41.93 10.51
CA THR A 185 -12.26 -42.21 11.07
C THR A 185 -12.43 -43.70 11.37
N LYS A 186 -13.42 -44.02 12.20
CA LYS A 186 -13.65 -45.39 12.66
C LYS A 186 -14.25 -46.27 11.58
N GLU A 187 -15.20 -45.71 10.82
CA GLU A 187 -15.77 -46.35 9.64
C GLU A 187 -15.51 -45.53 8.37
N GLU A 188 -15.91 -46.05 7.22
CA GLU A 188 -15.71 -45.36 5.94
C GLU A 188 -16.40 -44.00 5.97
N ALA A 189 -15.76 -42.99 5.38
CA ALA A 189 -16.33 -41.64 5.31
C ALA A 189 -15.46 -40.70 4.46
N TYR A 190 -16.03 -39.53 4.14
CA TYR A 190 -15.41 -38.61 3.19
C TYR A 190 -15.63 -37.15 3.57
N ASP A 191 -14.67 -36.30 3.24
CA ASP A 191 -14.87 -34.87 3.39
C ASP A 191 -15.46 -34.33 2.11
N ALA A 192 -16.26 -33.29 2.21
CA ALA A 192 -16.84 -32.65 1.03
C ALA A 192 -15.74 -32.19 0.07
N ASN A 193 -15.99 -32.33 -1.24
CA ASN A 193 -15.02 -32.00 -2.29
C ASN A 193 -13.70 -32.77 -2.12
N SER A 194 -13.79 -33.94 -1.51
CA SER A 194 -12.65 -34.85 -1.31
C SER A 194 -13.09 -36.27 -1.68
N LYS A 195 -12.21 -36.99 -2.37
CA LYS A 195 -12.53 -38.37 -2.74
C LYS A 195 -11.87 -39.37 -1.80
N ILE A 196 -11.11 -38.89 -0.81
CA ILE A 196 -10.26 -39.77 -0.01
C ILE A 196 -10.99 -40.45 1.13
N ASN A 197 -11.00 -41.77 1.10
CA ASN A 197 -11.55 -42.56 2.19
C ASN A 197 -10.74 -42.28 3.45
N LYS A 198 -11.43 -41.79 4.48
CA LYS A 198 -10.76 -41.38 5.72
C LYS A 198 -10.63 -42.52 6.72
N LYS A 199 -11.24 -43.68 6.45
CA LYS A 199 -11.20 -44.79 7.41
C LYS A 199 -9.76 -45.10 7.79
N TRP A 200 -9.56 -45.44 9.05
CA TRP A 200 -8.23 -45.59 9.61
C TRP A 200 -7.42 -46.66 8.91
N THR A 201 -8.10 -47.56 8.22
CA THR A 201 -7.44 -48.66 7.53
C THR A 201 -6.69 -48.14 6.31
N ASN A 202 -6.81 -46.84 6.05
CA ASN A 202 -6.11 -46.20 4.94
C ASN A 202 -4.83 -45.50 5.33
N THR A 203 -4.55 -45.51 6.64
CA THR A 203 -3.34 -44.91 7.18
C THR A 203 -2.24 -45.96 7.22
N ASN A 204 -1.19 -45.68 7.99
CA ASN A 204 -0.09 -46.63 8.13
C ASN A 204 -0.33 -47.49 9.38
N ILE A 205 -1.44 -47.23 10.06
CA ILE A 205 -1.75 -47.96 11.29
C ILE A 205 -1.92 -49.48 11.10
N PRO A 206 -2.67 -49.93 10.05
CA PRO A 206 -2.79 -51.38 9.90
C PRO A 206 -1.46 -52.10 9.70
N LYS A 207 -0.56 -51.51 8.92
CA LYS A 207 0.77 -52.08 8.74
C LYS A 207 1.52 -52.22 10.06
N LEU A 208 1.35 -51.25 10.95
CA LEU A 208 2.04 -51.26 12.25
C LEU A 208 1.42 -52.29 13.17
N ILE A 209 0.10 -52.46 13.08
CA ILE A 209 -0.58 -53.50 13.86
C ILE A 209 -0.10 -54.87 13.39
N GLU A 210 0.24 -54.97 12.12
CA GLU A 210 0.75 -56.21 11.58
C GLU A 210 2.15 -56.48 12.11
N GLN A 211 3.01 -55.46 12.09
CA GLN A 211 4.39 -55.59 12.52
C GLN A 211 4.53 -55.62 14.05
N GLY A 212 3.39 -55.68 14.75
CA GLY A 212 3.34 -55.80 16.20
C GLY A 212 3.78 -54.57 16.99
N LYS A 213 3.84 -53.43 16.31
CA LYS A 213 4.29 -52.19 16.90
C LYS A 213 3.13 -51.51 17.66
N LEU A 214 1.91 -51.87 17.29
CA LEU A 214 0.72 -51.44 18.01
C LEU A 214 -0.15 -52.64 18.37
N LYS A 215 -0.82 -52.60 19.51
CA LYS A 215 -1.79 -53.66 19.86
C LYS A 215 -2.93 -53.72 18.81
N GLY A 216 -3.44 -52.55 18.46
CA GLY A 216 -4.60 -52.41 17.58
C GLY A 216 -5.18 -51.02 17.80
N VAL A 217 -6.27 -50.72 17.12
CA VAL A 217 -6.87 -49.40 17.24
C VAL A 217 -7.27 -49.06 18.69
N ARG A 218 -7.01 -47.82 19.09
CA ARG A 218 -7.49 -47.31 20.38
C ARG A 218 -8.88 -46.73 20.24
N ALA A 219 -9.81 -47.20 21.08
CA ALA A 219 -11.20 -46.73 21.00
C ALA A 219 -11.32 -45.23 21.16
N ASP A 220 -10.53 -44.66 22.08
CA ASP A 220 -10.61 -43.25 22.46
C ASP A 220 -10.35 -42.28 21.31
N TRP A 221 -9.69 -42.75 20.25
CA TRP A 221 -9.44 -41.95 19.06
C TRP A 221 -10.71 -41.48 18.35
N PHE A 222 -11.85 -42.06 18.70
CA PHE A 222 -13.07 -41.76 17.99
C PHE A 222 -14.18 -41.30 18.93
N HIS A 223 -15.00 -40.38 18.45
CA HIS A 223 -16.18 -39.99 19.19
C HIS A 223 -17.22 -41.09 19.00
N ASN A 224 -18.44 -40.88 19.47
CA ASN A 224 -19.45 -41.90 19.29
C ASN A 224 -19.81 -42.06 17.82
N ASP A 225 -19.85 -40.96 17.09
CA ASP A 225 -20.19 -41.00 15.66
C ASP A 225 -19.05 -41.56 14.79
N GLY A 226 -17.97 -41.98 15.44
CA GLY A 226 -16.82 -42.52 14.73
C GLY A 226 -15.89 -41.52 14.06
N SER A 227 -16.03 -40.25 14.40
CA SER A 227 -15.13 -39.22 13.86
C SER A 227 -13.90 -39.01 14.74
N TYR A 228 -12.85 -38.43 14.14
CA TYR A 228 -11.57 -38.20 14.82
C TYR A 228 -11.70 -37.35 16.08
N ASN A 229 -11.19 -37.86 17.20
CA ASN A 229 -11.32 -37.18 18.50
C ASN A 229 -10.14 -36.28 18.73
N ASN A 230 -10.19 -35.12 18.06
CA ASN A 230 -9.18 -34.10 18.20
C ASN A 230 -9.36 -33.24 19.45
N ARG A 231 -10.19 -33.66 20.41
CA ARG A 231 -10.20 -32.95 21.67
C ARG A 231 -8.95 -33.35 22.44
N ASP A 232 -8.64 -34.65 22.36
CA ASP A 232 -7.55 -35.27 23.11
C ASP A 232 -6.35 -35.68 22.24
N PHE A 233 -6.52 -35.71 20.92
CA PHE A 233 -5.48 -36.23 20.04
C PHE A 233 -5.09 -35.23 18.95
N PRO A 234 -3.87 -35.32 18.41
CA PRO A 234 -3.33 -34.15 17.71
C PRO A 234 -3.78 -33.96 16.27
N ASN A 235 -3.35 -32.84 15.71
CA ASN A 235 -3.46 -32.62 14.29
C ASN A 235 -2.03 -32.73 13.79
N ALA A 236 -1.76 -33.72 12.96
CA ALA A 236 -0.39 -34.07 12.63
C ALA A 236 0.31 -33.11 11.67
N ILE A 237 0.66 -31.93 12.15
CA ILE A 237 1.54 -31.05 11.39
C ILE A 237 2.66 -30.50 12.26
N ASP A 238 3.55 -29.70 11.69
CA ASP A 238 4.61 -28.97 12.41
C ASP A 238 5.62 -29.87 13.11
N PRO A 239 6.30 -30.73 12.34
CA PRO A 239 7.25 -31.61 13.02
C PRO A 239 8.51 -30.84 13.38
N ASN A 240 9.07 -31.12 14.55
CA ASN A 240 10.35 -30.56 14.92
C ASN A 240 11.24 -31.69 15.38
N LEU A 241 12.47 -31.70 14.87
CA LEU A 241 13.43 -32.75 15.17
C LEU A 241 14.56 -32.24 16.06
N PHE A 242 14.70 -32.82 17.24
CA PHE A 242 15.78 -32.42 18.11
C PHE A 242 16.51 -33.63 18.68
N TYR A 243 17.81 -33.47 18.89
CA TYR A 243 18.61 -34.46 19.59
C TYR A 243 18.62 -34.11 21.08
N ASP A 244 18.75 -35.10 21.95
CA ASP A 244 18.82 -34.79 23.36
C ASP A 244 20.25 -34.89 23.90
N GLU A 245 20.31 -34.98 25.22
CA GLU A 245 21.54 -34.93 25.99
C GLU A 245 22.45 -36.10 25.67
N LYS A 246 21.89 -37.30 25.63
CA LYS A 246 22.64 -38.52 25.33
C LYS A 246 22.74 -38.79 23.81
N GLY A 247 22.25 -37.88 22.98
CA GLY A 247 22.38 -38.00 21.54
C GLY A 247 21.26 -38.75 20.81
N ASN A 248 20.20 -39.07 21.53
CA ASN A 248 19.03 -39.70 20.95
C ASN A 248 18.18 -38.73 20.13
N LEU A 249 17.42 -39.25 19.17
CA LEU A 249 16.61 -38.39 18.32
C LEU A 249 15.15 -38.39 18.73
N TRP A 250 14.51 -37.23 18.60
CA TRP A 250 13.10 -37.07 18.96
C TRP A 250 12.35 -36.21 17.94
N MET A 251 11.06 -36.48 17.78
CA MET A 251 10.19 -35.59 17.02
C MET A 251 9.01 -35.14 17.86
N ALA A 252 8.89 -33.82 18.00
CA ALA A 252 7.73 -33.21 18.64
C ALA A 252 6.91 -32.60 17.51
N TYR A 253 5.59 -32.60 17.67
CA TYR A 253 4.72 -32.17 16.58
C TYR A 253 3.34 -31.77 17.09
N GLY A 254 2.59 -31.05 16.24
CA GLY A 254 1.21 -30.75 16.55
C GLY A 254 0.76 -29.31 16.34
N SER A 255 -0.54 -29.11 16.29
CA SER A 255 -1.13 -27.78 16.17
C SER A 255 -2.57 -27.85 16.68
N TRP A 256 -2.89 -27.00 17.65
CA TRP A 256 -4.21 -26.96 18.30
C TRP A 256 -4.74 -28.37 18.61
N SER A 257 -6.06 -28.51 18.59
CA SER A 257 -6.70 -29.78 18.89
C SER A 257 -6.19 -30.33 20.23
N GLY A 258 -5.77 -31.59 20.22
CA GLY A 258 -5.41 -32.30 21.45
C GLY A 258 -4.08 -31.91 22.05
N GLY A 259 -3.23 -31.25 21.26
CA GLY A 259 -1.98 -30.76 21.80
C GLY A 259 -0.72 -31.16 21.06
N ILE A 260 0.41 -30.92 21.71
CA ILE A 260 1.72 -31.27 21.19
C ILE A 260 2.12 -32.62 21.72
N PHE A 261 2.60 -33.48 20.83
CA PHE A 261 3.09 -34.80 21.21
C PHE A 261 4.57 -34.92 20.84
N VAL A 262 5.29 -35.76 21.57
CA VAL A 262 6.68 -36.07 21.23
C VAL A 262 6.82 -37.59 21.05
N LEU A 263 7.52 -38.00 19.99
CA LEU A 263 7.84 -39.41 19.73
C LEU A 263 9.35 -39.61 19.70
N PRO A 264 9.84 -40.74 20.27
CA PRO A 264 11.23 -41.15 20.14
C PRO A 264 11.51 -41.64 18.71
N MET A 265 12.68 -41.33 18.16
CA MET A 265 12.91 -41.61 16.75
C MET A 265 14.11 -42.50 16.50
N ASP A 266 13.92 -43.52 15.68
CA ASP A 266 15.00 -44.37 15.25
C ASP A 266 15.99 -43.58 14.41
N LYS A 267 17.15 -43.27 14.99
CA LYS A 267 18.20 -42.49 14.32
C LYS A 267 18.58 -43.05 12.95
N THR A 268 18.38 -44.35 12.77
CA THR A 268 18.85 -45.07 11.59
C THR A 268 17.87 -45.03 10.41
N THR A 269 16.61 -45.30 10.68
CA THR A 269 15.57 -45.36 9.65
C THR A 269 14.80 -44.04 9.46
N GLY A 270 14.67 -43.27 10.53
CA GLY A 270 13.94 -42.01 10.48
C GLY A 270 12.51 -42.18 10.93
N LYS A 271 12.20 -43.35 11.47
CA LYS A 271 10.82 -43.70 11.81
C LYS A 271 10.58 -43.72 13.32
N PRO A 272 9.35 -43.40 13.74
CA PRO A 272 8.99 -43.45 15.15
C PRO A 272 9.13 -44.83 15.78
N ILE A 273 9.70 -44.87 16.97
CA ILE A 273 9.57 -46.02 17.85
C ILE A 273 8.31 -45.81 18.65
N TYR A 274 7.18 -46.27 18.13
CA TYR A 274 5.90 -45.99 18.78
C TYR A 274 5.84 -46.60 20.17
N PRO A 275 5.24 -45.87 21.12
CA PRO A 275 5.05 -46.37 22.48
C PRO A 275 4.47 -47.78 22.52
N GLY A 276 3.50 -48.05 21.65
CA GLY A 276 2.94 -49.37 21.50
C GLY A 276 1.93 -49.75 22.56
N LYS A 277 1.87 -48.99 23.64
CA LYS A 277 0.85 -49.20 24.67
C LYS A 277 0.47 -47.85 25.26
N ASP A 278 -0.81 -47.64 25.52
CA ASP A 278 -1.25 -46.41 26.16
C ASP A 278 -0.80 -46.36 27.63
N GLY A 279 -0.80 -45.17 28.21
CA GLY A 279 -0.46 -44.99 29.61
C GLY A 279 -0.37 -43.54 30.06
N LYS A 280 0.16 -43.33 31.25
CA LYS A 280 0.34 -41.98 31.74
C LYS A 280 1.79 -41.75 32.12
N THR A 281 2.24 -40.50 32.01
CA THR A 281 3.55 -40.13 32.52
C THR A 281 3.40 -40.06 34.03
N PRO A 282 4.50 -40.23 34.77
CA PRO A 282 4.44 -40.20 36.24
C PRO A 282 3.62 -39.02 36.83
N ASP A 283 3.56 -37.89 36.11
CA ASP A 283 2.87 -36.72 36.63
C ASP A 283 1.47 -36.53 36.05
N GLY A 284 1.07 -37.45 35.18
CA GLY A 284 -0.32 -37.50 34.74
C GLY A 284 -0.57 -37.28 33.26
N ARG A 285 0.43 -36.81 32.53
CA ARG A 285 0.28 -36.48 31.12
C ARG A 285 0.01 -37.72 30.26
N LEU A 286 -0.94 -37.58 29.33
CA LEU A 286 -1.30 -38.65 28.42
C LEU A 286 -0.16 -39.21 27.55
N VAL A 287 -0.03 -40.54 27.55
CA VAL A 287 0.82 -41.25 26.59
C VAL A 287 -0.03 -42.11 25.68
N ASP A 288 0.18 -41.98 24.38
CA ASP A 288 -0.60 -42.76 23.45
C ASP A 288 0.29 -43.75 22.71
N ARG A 289 -0.27 -44.91 22.39
CA ARG A 289 0.44 -45.99 21.72
C ARG A 289 0.95 -45.57 20.35
N TYR A 290 0.22 -44.67 19.70
CA TYR A 290 0.54 -44.28 18.34
C TYR A 290 1.12 -42.88 18.31
N PHE A 291 0.42 -41.95 18.98
CA PHE A 291 0.78 -40.54 18.92
C PHE A 291 1.99 -40.12 19.80
N GLY A 292 2.23 -40.85 20.88
CA GLY A 292 3.38 -40.56 21.71
C GLY A 292 3.03 -39.92 23.05
N ILE A 293 3.87 -38.99 23.48
CA ILE A 293 3.66 -38.36 24.79
C ILE A 293 3.25 -36.90 24.65
N LYS A 294 2.20 -36.53 25.38
CA LYS A 294 1.69 -35.17 25.35
C LYS A 294 2.55 -34.24 26.22
N ILE A 295 3.15 -33.24 25.60
CA ILE A 295 3.99 -32.33 26.34
C ILE A 295 3.40 -30.90 26.45
N ALA A 296 2.38 -30.58 25.64
CA ALA A 296 1.80 -29.24 25.67
C ALA A 296 0.38 -29.18 25.15
N GLY A 297 -0.40 -28.27 25.70
CA GLY A 297 -1.70 -27.91 25.15
C GLY A 297 -2.87 -28.78 25.54
N GLY A 298 -3.80 -28.90 24.60
CA GLY A 298 -4.95 -29.76 24.77
C GLY A 298 -6.26 -29.03 24.62
N TYR A 299 -7.34 -29.81 24.63
CA TYR A 299 -8.71 -29.30 24.64
C TYR A 299 -9.03 -28.16 23.65
N TYR A 300 -8.62 -28.40 22.40
CA TYR A 300 -8.94 -27.54 21.25
C TYR A 300 -8.23 -26.18 21.24
N GLN A 301 -7.47 -25.87 22.29
CA GLN A 301 -6.81 -24.55 22.42
C GLN A 301 -5.59 -24.39 21.53
N SER A 302 -5.14 -23.16 21.36
CA SER A 302 -4.05 -22.85 20.43
C SER A 302 -2.69 -23.37 20.92
N GLY A 303 -1.70 -23.32 20.03
CA GLY A 303 -0.40 -23.89 20.32
C GLY A 303 0.12 -24.64 19.12
N GLU A 304 1.19 -24.16 18.51
CA GLU A 304 1.76 -24.79 17.33
C GLU A 304 3.15 -24.22 17.10
N GLY A 305 3.92 -24.84 16.20
CA GLY A 305 5.26 -24.37 15.93
C GLY A 305 6.25 -24.80 17.00
N THR A 306 6.03 -25.98 17.58
CA THR A 306 6.94 -26.55 18.57
C THR A 306 8.41 -26.52 18.13
N TYR A 307 9.27 -26.01 18.99
CA TYR A 307 10.72 -26.14 18.82
C TYR A 307 11.36 -26.39 20.19
N ILE A 308 12.21 -27.41 20.26
CA ILE A 308 12.81 -27.81 21.54
C ILE A 308 14.33 -27.82 21.40
N VAL A 309 15.03 -27.28 22.40
CA VAL A 309 16.49 -27.26 22.38
C VAL A 309 17.07 -27.76 23.69
N TYR A 310 18.06 -28.65 23.62
CA TYR A 310 18.83 -28.99 24.81
C TYR A 310 20.01 -28.04 24.98
N ASP A 311 20.07 -27.41 26.16
CA ASP A 311 21.18 -26.54 26.52
C ASP A 311 22.19 -27.32 27.37
N LYS A 312 23.35 -27.63 26.79
CA LYS A 312 24.37 -28.40 27.52
C LYS A 312 24.92 -27.70 28.78
N ASN A 313 24.75 -26.38 28.90
CA ASN A 313 25.27 -25.66 30.07
C ASN A 313 24.31 -25.54 31.22
N THR A 314 23.04 -25.25 30.92
CA THR A 314 22.03 -25.16 31.96
C THR A 314 21.32 -26.48 32.18
N ASP A 315 21.61 -27.46 31.32
CA ASP A 315 21.04 -28.81 31.43
C ASP A 315 19.51 -28.75 31.47
N TYR A 316 18.96 -28.01 30.53
CA TYR A 316 17.52 -27.85 30.40
C TYR A 316 17.13 -28.06 28.97
N TYR A 317 15.97 -28.68 28.77
CA TYR A 317 15.29 -28.66 27.48
C TYR A 317 14.31 -27.50 27.45
N TYR A 318 14.51 -26.57 26.52
CA TYR A 318 13.61 -25.43 26.38
C TYR A 318 12.61 -25.69 25.27
N LEU A 319 11.32 -25.59 25.60
CA LEU A 319 10.23 -25.76 24.63
C LEU A 319 9.66 -24.42 24.20
N TYR A 320 9.76 -24.10 22.92
CA TYR A 320 9.09 -22.93 22.40
C TYR A 320 7.83 -23.34 21.64
N VAL A 321 6.77 -22.57 21.81
CA VAL A 321 5.49 -22.85 21.21
C VAL A 321 4.83 -21.51 20.92
N THR A 322 4.00 -21.45 19.88
CA THR A 322 3.26 -20.22 19.55
C THR A 322 1.75 -20.37 19.75
N TYR A 323 1.16 -19.46 20.52
CA TYR A 323 -0.28 -19.38 20.79
C TYR A 323 -0.97 -18.45 19.76
N GLY A 324 -2.30 -18.51 19.70
CA GLY A 324 -3.03 -17.50 18.98
C GLY A 324 -3.39 -17.95 17.59
N TRP A 325 -3.65 -17.01 16.68
CA TRP A 325 -3.89 -17.35 15.25
C TRP A 325 -2.89 -16.52 14.43
N LEU A 326 -2.31 -17.12 13.40
CA LEU A 326 -1.16 -16.55 12.66
C LEU A 326 -1.33 -15.18 11.93
N GLY A 327 -2.55 -14.84 11.49
CA GLY A 327 -2.77 -13.62 10.72
C GLY A 327 -2.89 -12.36 11.53
N ALA A 328 -2.81 -11.21 10.87
CA ALA A 328 -2.63 -9.92 11.53
C ALA A 328 -3.67 -9.56 12.60
N ASP A 329 -4.80 -10.27 12.59
CA ASP A 329 -5.90 -10.07 13.52
CA ASP A 329 -5.80 -9.99 13.63
C ASP A 329 -5.96 -11.17 14.59
N GLY A 330 -5.01 -12.10 14.59
CA GLY A 330 -5.11 -13.28 15.43
C GLY A 330 -4.19 -13.36 16.64
N GLY A 331 -3.20 -12.48 16.70
CA GLY A 331 -2.32 -12.43 17.86
C GLY A 331 -1.42 -13.62 18.17
N TYR A 332 -0.57 -14.03 17.22
CA TYR A 332 0.48 -15.02 17.49
C TYR A 332 1.42 -14.48 18.61
N ASN A 333 1.46 -15.20 19.72
CA ASN A 333 2.48 -15.04 20.77
C ASN A 333 3.55 -16.06 20.63
N MET A 334 4.77 -15.78 21.03
CA MET A 334 5.66 -16.90 21.28
C MET A 334 5.73 -17.23 22.79
N ARG A 335 5.64 -18.51 23.12
CA ARG A 335 5.62 -18.94 24.51
C ARG A 335 6.86 -19.77 24.83
N GLN A 336 7.23 -19.84 26.11
CA GLN A 336 8.48 -20.50 26.48
C GLN A 336 8.32 -21.33 27.74
N PHE A 337 8.76 -22.59 27.65
CA PHE A 337 8.76 -23.49 28.79
C PHE A 337 10.12 -24.17 28.94
N ARG A 338 10.36 -24.84 30.07
CA ARG A 338 11.52 -25.72 30.17
C ARG A 338 11.25 -27.00 30.96
N SER A 339 12.07 -28.02 30.68
CA SER A 339 12.04 -29.28 31.41
C SER A 339 13.45 -29.87 31.52
N THR A 340 13.68 -30.72 32.53
CA THR A 340 14.97 -31.43 32.64
C THR A 340 15.02 -32.68 31.77
N SER A 341 13.87 -33.04 31.21
CA SER A 341 13.70 -34.25 30.41
C SER A 341 13.14 -33.87 29.05
N PRO A 342 13.44 -34.64 27.99
CA PRO A 342 12.97 -34.20 26.67
C PRO A 342 11.49 -34.49 26.54
N THR A 343 11.01 -35.26 27.49
CA THR A 343 9.67 -35.81 27.48
C THR A 343 8.77 -35.03 28.43
N GLY A 344 9.36 -34.07 29.14
CA GLY A 344 8.63 -33.31 30.11
C GLY A 344 8.83 -33.81 31.52
N PRO A 345 8.08 -33.24 32.47
CA PRO A 345 7.07 -32.21 32.26
C PRO A 345 7.66 -30.81 32.04
N TYR A 346 7.21 -30.14 30.97
CA TYR A 346 7.63 -28.78 30.67
C TYR A 346 6.78 -27.78 31.42
N VAL A 347 7.46 -26.82 32.07
CA VAL A 347 6.83 -25.81 32.91
C VAL A 347 7.38 -24.41 32.62
N ASP A 348 6.69 -23.38 33.08
CA ASP A 348 7.15 -22.00 32.85
C ASP A 348 7.86 -21.43 34.09
N ALA A 349 8.23 -20.15 34.04
CA ALA A 349 8.92 -19.53 35.17
C ALA A 349 8.05 -19.51 36.41
N LYS A 350 6.75 -19.66 36.20
CA LYS A 350 5.80 -19.72 37.30
C LYS A 350 5.67 -21.17 37.79
N GLY A 351 6.24 -22.10 37.03
CA GLY A 351 6.20 -23.51 37.37
C GLY A 351 4.86 -24.16 37.06
N GLN A 352 4.16 -23.62 36.07
CA GLN A 352 2.87 -24.14 35.56
C GLN A 352 3.09 -25.08 34.38
N SER A 353 2.23 -26.07 34.21
CA SER A 353 2.37 -27.00 33.08
C SER A 353 1.92 -26.44 31.70
N ALA A 354 2.71 -26.73 30.66
CA ALA A 354 2.32 -26.46 29.26
C ALA A 354 1.08 -27.26 28.84
N VAL A 355 0.84 -28.37 29.52
CA VAL A 355 -0.38 -29.14 29.27
C VAL A 355 -1.57 -28.60 30.06
N LEU A 356 -2.59 -28.14 29.34
CA LEU A 356 -3.78 -27.55 29.96
C LEU A 356 -4.63 -28.58 30.69
N PRO A 357 -5.36 -28.15 31.72
CA PRO A 357 -6.25 -29.03 32.48
C PRO A 357 -7.63 -29.23 31.86
N GLY A 358 -7.93 -28.53 30.77
CA GLY A 358 -9.26 -28.65 30.18
C GLY A 358 -9.47 -27.53 29.19
N GLU A 359 -10.71 -27.35 28.74
CA GLU A 359 -11.02 -26.19 27.91
C GLU A 359 -11.01 -24.89 28.70
N VAL A 360 -9.82 -24.30 28.81
CA VAL A 360 -9.60 -23.10 29.60
C VAL A 360 -8.72 -22.13 28.84
N ASP A 361 -8.80 -20.86 29.22
CA ASP A 361 -7.90 -19.84 28.71
C ASP A 361 -6.45 -20.30 28.92
N ASN A 362 -5.69 -20.35 27.83
CA ASN A 362 -4.34 -20.90 27.87
C ASN A 362 -3.32 -19.80 28.09
N SER A 363 -3.79 -18.56 28.06
CA SER A 363 -2.88 -17.42 28.17
C SER A 363 -2.10 -17.30 29.49
N PRO A 364 -2.62 -17.86 30.61
CA PRO A 364 -1.76 -17.83 31.81
C PRO A 364 -0.48 -18.67 31.70
N TYR A 365 -0.48 -19.68 30.83
CA TYR A 365 0.59 -20.68 30.82
C TYR A 365 1.69 -20.39 29.80
N GLY A 366 2.94 -20.47 30.24
CA GLY A 366 4.07 -20.21 29.38
C GLY A 366 4.54 -18.78 29.44
N ASN A 367 5.85 -18.60 29.50
CA ASN A 367 6.44 -17.27 29.38
C ASN A 367 6.05 -16.64 28.04
N LYS A 368 5.31 -15.53 28.07
CA LYS A 368 5.07 -14.80 26.84
C LYS A 368 6.35 -14.03 26.49
N ILE A 369 7.13 -14.55 25.55
CA ILE A 369 8.41 -13.91 25.26
C ILE A 369 8.32 -12.90 24.12
N MET A 370 7.22 -12.90 23.39
CA MET A 370 6.96 -11.83 22.40
C MET A 370 5.53 -11.81 21.93
N GLY A 371 4.92 -10.63 21.95
CA GLY A 371 3.57 -10.45 21.44
C GLY A 371 3.54 -9.31 20.45
N ASN A 372 2.39 -8.67 20.29
CA ASN A 372 2.28 -7.49 19.43
C ASN A 372 2.86 -6.22 20.08
N PHE A 373 3.79 -5.56 19.41
CA PHE A 373 4.41 -4.37 20.02
C PHE A 373 4.78 -3.33 18.99
N LEU A 374 4.83 -2.09 19.45
CA LEU A 374 5.30 -0.99 18.62
C LEU A 374 6.11 0.01 19.44
N PHE A 375 7.38 0.16 19.12
CA PHE A 375 8.15 1.28 19.66
C PHE A 375 7.81 2.54 18.86
N GLU A 376 6.66 3.13 19.18
CA GLU A 376 6.06 4.22 18.40
C GLU A 376 7.00 5.39 18.25
N ARG A 377 7.13 5.91 17.04
CA ARG A 377 7.91 7.12 16.87
C ARG A 377 6.94 8.29 16.98
N LYS A 378 6.78 8.80 18.20
CA LYS A 378 5.86 9.91 18.47
C LYS A 378 6.46 11.24 17.95
N VAL A 379 5.70 12.32 18.04
CA VAL A 379 6.19 13.57 17.48
C VAL A 379 7.37 14.11 18.30
N GLY A 380 8.53 14.23 17.65
CA GLY A 380 9.73 14.71 18.31
C GLY A 380 10.86 13.68 18.40
N ASP A 381 10.50 12.41 18.24
CA ASP A 381 11.49 11.35 18.18
C ASP A 381 12.26 11.48 16.89
N PRO A 382 13.57 11.18 16.92
CA PRO A 382 14.37 11.22 15.70
C PRO A 382 13.90 10.17 14.72
N GLY A 383 14.40 10.22 13.48
CA GLY A 383 13.98 9.27 12.44
C GLY A 383 12.64 9.58 11.81
N THR A 384 12.21 8.69 10.91
CA THR A 384 10.93 8.86 10.21
C THR A 384 10.16 7.55 10.21
N GLY A 385 8.84 7.64 10.15
CA GLY A 385 8.02 6.45 10.11
C GLY A 385 7.27 6.30 11.40
N ILE A 386 6.56 5.19 11.54
CA ILE A 386 5.75 5.00 12.73
C ILE A 386 6.58 4.38 13.85
N GLY A 387 7.77 3.91 13.51
CA GLY A 387 8.61 3.19 14.45
C GLY A 387 8.68 1.73 14.08
N VAL A 388 9.46 0.96 14.83
CA VAL A 388 9.56 -0.47 14.59
C VAL A 388 8.60 -1.22 15.52
N GLY A 389 7.86 -2.15 14.91
CA GLY A 389 6.87 -2.94 15.62
C GLY A 389 6.62 -4.26 14.91
N TYR A 390 6.10 -5.23 15.64
CA TYR A 390 5.67 -6.48 15.01
C TYR A 390 4.18 -6.73 15.26
N VAL A 391 3.52 -7.36 14.29
CA VAL A 391 2.17 -7.90 14.50
C VAL A 391 2.19 -9.42 14.30
N SER A 392 1.71 -10.14 15.31
CA SER A 392 1.65 -11.60 15.29
C SER A 392 2.97 -12.24 14.90
N PRO A 393 4.02 -11.99 15.70
CA PRO A 393 5.30 -12.68 15.46
C PRO A 393 5.24 -14.12 15.95
N GLY A 394 5.91 -15.05 15.30
CA GLY A 394 5.92 -16.37 15.88
C GLY A 394 6.21 -17.51 14.92
N HIS A 395 5.89 -18.72 15.40
CA HIS A 395 6.31 -19.96 14.77
C HIS A 395 7.81 -19.94 14.58
N ASN A 396 8.54 -20.22 15.64
CA ASN A 396 9.96 -19.94 15.64
C ASN A 396 10.82 -21.19 15.63
N SER A 397 12.05 -21.04 15.20
CA SER A 397 13.06 -22.02 15.49
C SER A 397 14.10 -21.34 16.40
N VAL A 398 15.09 -22.09 16.85
CA VAL A 398 16.18 -21.56 17.64
C VAL A 398 17.51 -22.10 17.13
N TYR A 399 18.52 -21.24 17.01
CA TYR A 399 19.88 -21.73 16.77
C TYR A 399 20.76 -21.41 17.97
N LEU A 400 21.36 -22.45 18.54
CA LEU A 400 22.27 -22.35 19.68
C LEU A 400 23.71 -22.65 19.23
N ASP A 401 24.50 -21.59 19.04
CA ASP A 401 25.88 -21.69 18.53
C ASP A 401 26.81 -22.49 19.44
N ARG A 402 27.52 -23.47 18.89
CA ARG A 402 28.40 -24.35 19.68
C ARG A 402 29.68 -23.63 20.10
N LYS A 403 30.17 -22.73 19.25
CA LYS A 403 31.40 -21.99 19.54
C LYS A 403 31.17 -20.98 20.66
N THR A 404 30.32 -19.99 20.41
CA THR A 404 30.17 -18.84 21.30
C THR A 404 29.08 -18.99 22.37
N GLY A 405 28.18 -19.95 22.19
CA GLY A 405 27.08 -20.13 23.11
C GLY A 405 25.97 -19.09 22.96
N GLN A 406 26.10 -18.26 21.92
CA GLN A 406 25.04 -17.33 21.60
C GLN A 406 23.83 -18.07 21.02
N GLN A 407 22.65 -17.59 21.38
CA GLN A 407 21.40 -18.23 21.03
C GLN A 407 20.61 -17.25 20.16
N PHE A 408 19.96 -17.72 19.10
CA PHE A 408 19.11 -16.82 18.30
C PHE A 408 17.70 -17.36 18.12
N LEU A 409 16.73 -16.47 18.24
CA LEU A 409 15.33 -16.77 17.95
C LEU A 409 15.03 -16.43 16.48
N VAL A 410 14.46 -17.38 15.73
CA VAL A 410 14.17 -17.16 14.30
C VAL A 410 12.70 -17.44 13.98
N PHE A 411 11.99 -16.42 13.48
CA PHE A 411 10.54 -16.47 13.33
C PHE A 411 10.09 -15.63 12.15
N HIS A 412 8.85 -15.82 11.72
CA HIS A 412 8.26 -14.90 10.75
C HIS A 412 7.43 -13.90 11.54
N THR A 413 7.07 -12.79 10.91
CA THR A 413 6.22 -11.82 11.57
C THR A 413 5.52 -10.91 10.58
N ARG A 414 4.34 -10.43 10.96
CA ARG A 414 3.66 -9.39 10.20
C ARG A 414 3.97 -8.04 10.84
N PHE A 415 3.50 -6.97 10.22
CA PHE A 415 3.89 -5.62 10.63
C PHE A 415 2.67 -4.75 10.74
N PRO A 416 2.71 -3.77 11.65
CA PRO A 416 1.64 -2.76 11.79
C PRO A 416 1.32 -2.15 10.44
N GLN A 417 0.04 -1.89 10.18
CA GLN A 417 -0.38 -1.19 8.95
C GLN A 417 -0.03 -1.89 7.62
N SER A 418 0.22 -3.20 7.63
CA SER A 418 0.70 -3.88 6.42
C SER A 418 -0.08 -5.13 6.10
N GLY A 419 -1.21 -5.31 6.76
CA GLY A 419 -2.04 -6.50 6.54
C GLY A 419 -1.27 -7.79 6.74
N GLU A 420 -1.42 -8.72 5.81
CA GLU A 420 -0.91 -10.06 6.00
C GLU A 420 0.47 -10.24 5.37
N TYR A 421 1.15 -9.12 5.11
CA TYR A 421 2.53 -9.17 4.66
C TYR A 421 3.44 -9.58 5.81
N HIS A 422 4.44 -10.42 5.49
CA HIS A 422 5.33 -10.98 6.50
C HIS A 422 6.77 -11.16 6.04
N GLU A 423 7.69 -11.11 7.01
CA GLU A 423 9.10 -11.33 6.75
C GLU A 423 9.71 -12.13 7.88
N VAL A 424 10.91 -12.64 7.64
CA VAL A 424 11.69 -13.32 8.67
C VAL A 424 12.39 -12.31 9.59
N ARG A 425 12.44 -12.59 10.88
CA ARG A 425 13.19 -11.78 11.82
C ARG A 425 14.05 -12.64 12.74
N VAL A 426 15.23 -12.14 13.12
CA VAL A 426 16.08 -12.84 14.08
C VAL A 426 16.37 -11.99 15.31
N HIS A 427 16.02 -12.48 16.50
CA HIS A 427 16.41 -11.81 17.74
C HIS A 427 17.36 -12.64 18.60
N GLN A 428 18.47 -12.05 19.04
CA GLN A 428 19.38 -12.79 19.88
C GLN A 428 18.72 -13.05 21.25
N MET A 429 18.99 -14.22 21.82
CA MET A 429 18.61 -14.49 23.20
C MET A 429 19.84 -14.60 24.11
N PHE A 430 19.69 -14.12 25.34
CA PHE A 430 20.75 -14.17 26.35
C PHE A 430 20.24 -14.94 27.56
N MET A 431 21.09 -15.75 28.18
CA MET A 431 20.65 -16.49 29.35
C MET A 431 20.61 -15.60 30.58
N ASN A 432 19.42 -15.41 31.15
CA ASN A 432 19.26 -14.64 32.37
C ASN A 432 19.70 -15.48 33.57
N LYS A 433 19.68 -14.89 34.76
CA LYS A 433 20.33 -15.49 35.93
C LYS A 433 19.57 -16.70 36.47
N ASN A 434 18.38 -16.96 35.94
CA ASN A 434 17.59 -18.06 36.47
C ASN A 434 17.49 -19.21 35.48
N GLY A 435 18.34 -19.19 34.46
CA GLY A 435 18.37 -20.25 33.48
C GLY A 435 17.24 -20.14 32.48
N TRP A 436 16.84 -18.91 32.18
CA TRP A 436 15.86 -18.64 31.15
C TRP A 436 16.48 -17.78 30.05
N PRO A 437 16.40 -18.22 28.79
CA PRO A 437 16.76 -17.24 27.77
C PRO A 437 15.76 -16.10 27.70
N VAL A 438 16.31 -14.89 27.62
CA VAL A 438 15.51 -13.69 27.51
C VAL A 438 15.74 -13.04 26.15
N VAL A 439 14.65 -12.71 25.47
CA VAL A 439 14.75 -12.20 24.10
C VAL A 439 15.15 -10.74 24.00
N ALA A 440 16.13 -10.46 23.16
CA ALA A 440 16.53 -9.09 22.83
C ALA A 440 15.40 -8.32 22.15
N PRO A 441 15.23 -7.06 22.55
CA PRO A 441 14.17 -6.18 22.05
C PRO A 441 14.22 -5.94 20.54
N TYR A 442 15.42 -5.99 19.95
CA TYR A 442 15.59 -5.62 18.54
C TYR A 442 16.20 -6.75 17.73
N ARG A 443 16.01 -6.71 16.41
CA ARG A 443 16.58 -7.73 15.54
C ARG A 443 18.11 -7.76 15.67
N TYR A 444 18.68 -8.95 15.52
CA TYR A 444 20.12 -9.15 15.68
C TYR A 444 20.87 -8.31 14.66
N ALA A 445 21.84 -7.54 15.13
CA ALA A 445 22.63 -6.68 14.26
C ALA A 445 24.14 -6.81 14.48
N GLY A 446 24.56 -7.91 15.10
CA GLY A 446 25.98 -8.14 15.37
C GLY A 446 26.42 -7.89 16.82
N GLU A 447 25.48 -7.53 17.66
CA GLU A 447 25.76 -7.23 19.04
C GLU A 447 26.14 -8.50 19.80
N LYS A 448 26.77 -8.31 20.96
CA LYS A 448 27.12 -9.42 21.87
C LYS A 448 27.16 -8.86 23.29
N LEU A 449 27.20 -9.74 24.28
CA LEU A 449 27.32 -9.26 25.67
C LEU A 449 28.70 -8.61 25.90
N GLU A 450 28.66 -7.51 26.65
CA GLU A 450 29.82 -6.68 26.96
C GLU A 450 29.87 -6.35 28.44
N LYS A 451 30.96 -5.73 28.87
CA LYS A 451 30.95 -5.08 30.18
C LYS A 451 30.19 -3.76 30.04
N VAL A 452 29.16 -3.60 30.88
CA VAL A 452 28.28 -2.44 30.76
C VAL A 452 28.47 -1.54 31.97
N ASN A 453 28.79 -0.27 31.73
CA ASN A 453 29.04 0.70 32.80
C ASN A 453 27.80 1.44 33.27
N LYS A 454 27.63 1.58 34.58
CA LYS A 454 26.45 2.25 35.11
C LYS A 454 26.10 3.58 34.41
N GLN A 455 27.09 4.39 34.05
CA GLN A 455 26.79 5.71 33.48
C GLN A 455 26.16 5.62 32.10
N ASP A 456 26.28 4.47 31.46
CA ASP A 456 25.66 4.24 30.16
C ASP A 456 24.26 3.68 30.29
N VAL A 457 23.91 3.28 31.51
CA VAL A 457 22.61 2.71 31.80
C VAL A 457 21.64 3.77 32.30
N VAL A 458 22.15 4.72 33.09
CA VAL A 458 21.29 5.74 33.70
C VAL A 458 20.66 6.66 32.65
N GLY A 459 19.37 6.91 32.79
CA GLY A 459 18.63 7.70 31.81
C GLY A 459 17.17 7.32 31.64
N GLU A 460 16.53 7.87 30.63
CA GLU A 460 15.13 7.57 30.42
C GLU A 460 14.98 6.46 29.37
N TYR A 461 13.97 5.60 29.58
CA TYR A 461 13.75 4.44 28.73
C TYR A 461 12.34 4.38 28.19
N GLN A 462 12.19 3.95 26.93
CA GLN A 462 10.88 3.50 26.48
C GLN A 462 10.80 2.03 26.81
N LEU A 463 9.71 1.64 27.46
CA LEU A 463 9.54 0.29 28.00
C LEU A 463 8.28 -0.38 27.44
N ILE A 464 8.43 -1.63 27.00
CA ILE A 464 7.31 -2.44 26.57
C ILE A 464 7.17 -3.66 27.46
N ASN A 465 5.96 -3.90 27.94
CA ASN A 465 5.65 -5.01 28.85
C ASN A 465 4.69 -5.92 28.11
N HIS A 466 5.18 -7.10 27.73
CA HIS A 466 4.43 -7.96 26.81
C HIS A 466 3.26 -8.64 27.52
N GLY A 467 3.23 -8.57 28.84
CA GLY A 467 2.13 -9.12 29.62
C GLY A 467 1.82 -10.60 29.42
N LYS A 468 0.56 -10.95 29.62
CA LYS A 468 0.14 -12.34 29.50
C LYS A 468 -1.02 -12.55 28.51
N ASP A 469 -2.03 -11.67 28.56
CA ASP A 469 -3.12 -11.71 27.58
C ASP A 469 -2.58 -11.48 26.20
N TYR A 470 -3.35 -11.87 25.18
CA TYR A 470 -3.02 -11.52 23.81
C TYR A 470 -4.23 -11.34 22.93
N SER A 471 -4.10 -10.44 21.96
CA SER A 471 -5.16 -10.16 21.00
C SER A 471 -4.53 -9.46 19.81
N ALA A 472 -5.34 -8.77 19.02
CA ALA A 472 -4.83 -8.00 17.89
C ALA A 472 -4.28 -6.64 18.33
N ASP A 473 -4.46 -6.32 19.62
CA ASP A 473 -3.89 -5.12 20.23
C ASP A 473 -2.38 -5.07 20.15
N ILE A 474 -1.89 -3.93 19.67
CA ILE A 474 -0.46 -3.67 19.58
C ILE A 474 -0.04 -2.90 20.85
N LYS A 475 0.89 -3.48 21.60
CA LYS A 475 1.34 -2.90 22.85
C LYS A 475 2.40 -1.84 22.61
N LYS A 476 2.17 -0.61 23.07
CA LYS A 476 3.19 0.41 22.89
C LYS A 476 3.87 0.86 24.20
N GLN A 477 4.94 1.65 24.04
CA GLN A 477 5.80 1.98 25.16
C GLN A 477 5.19 2.89 26.22
N ILE A 478 5.56 2.66 27.48
CA ILE A 478 5.48 3.72 28.47
C ILE A 478 6.87 4.33 28.66
N PHE A 479 6.96 5.36 29.50
CA PHE A 479 8.23 6.07 29.70
C PHE A 479 8.69 6.03 31.15
N VAL A 480 9.75 5.26 31.39
CA VAL A 480 10.33 5.20 32.73
C VAL A 480 11.76 5.68 32.67
N ARG A 481 12.32 5.97 33.82
CA ARG A 481 13.76 6.18 33.84
C ARG A 481 14.41 5.42 34.98
N LEU A 482 15.62 4.95 34.71
CA LEU A 482 16.50 4.37 35.71
C LEU A 482 17.44 5.46 36.19
N ASN A 483 17.18 5.92 37.41
CA ASN A 483 17.89 7.06 37.98
C ASN A 483 19.24 6.67 38.57
N ARG A 484 20.17 7.61 38.69
CA ARG A 484 21.48 7.28 39.24
C ARG A 484 21.37 6.73 40.67
N ASN A 485 20.36 7.15 41.43
CA ASN A 485 20.16 6.64 42.80
C ASN A 485 19.54 5.22 42.86
N ASN A 486 19.46 4.54 41.71
CA ASN A 486 18.93 3.19 41.59
C ASN A 486 17.44 3.05 41.90
N THR A 487 16.69 4.14 41.68
CA THR A 487 15.24 4.08 41.68
C THR A 487 14.74 4.12 40.25
N ILE A 488 13.50 3.66 40.05
CA ILE A 488 12.82 3.76 38.76
C ILE A 488 11.65 4.71 38.90
N SER A 489 11.66 5.79 38.14
CA SER A 489 10.55 6.73 38.20
C SER A 489 9.95 6.96 36.82
N GLY A 490 8.82 7.65 36.80
CA GLY A 490 8.15 7.97 35.54
C GLY A 490 6.81 7.29 35.49
N ASP A 491 6.58 6.51 34.44
CA ASP A 491 5.30 5.84 34.25
C ASP A 491 5.21 4.55 35.07
N ALA A 492 6.28 4.26 35.80
CA ALA A 492 6.34 3.12 36.70
C ALA A 492 7.23 3.48 37.87
N THR A 493 7.06 2.78 38.98
CA THR A 493 7.85 3.10 40.17
C THR A 493 8.57 1.88 40.72
N GLY A 494 9.87 1.99 40.91
CA GLY A 494 10.59 0.94 41.62
C GLY A 494 12.08 1.14 41.74
N THR A 495 12.82 0.04 41.68
CA THR A 495 14.25 0.07 41.97
C THR A 495 14.99 -0.76 40.93
N TRP A 496 16.28 -0.56 40.76
CA TRP A 496 17.04 -1.37 39.82
C TRP A 496 18.51 -1.58 40.25
N ARG A 497 19.14 -2.58 39.66
CA ARG A 497 20.49 -3.00 39.97
C ARG A 497 21.16 -3.53 38.73
N LYS A 498 22.37 -3.08 38.46
CA LYS A 498 23.26 -3.81 37.57
C LYS A 498 24.04 -4.75 38.50
N ILE A 499 24.26 -5.98 38.06
CA ILE A 499 25.00 -7.01 38.81
C ILE A 499 26.04 -7.68 37.91
N GLY A 500 27.31 -7.67 38.30
CA GLY A 500 28.33 -8.23 37.44
C GLY A 500 28.49 -7.41 36.19
N HIS A 501 28.95 -8.01 35.10
CA HIS A 501 29.20 -7.24 33.89
C HIS A 501 27.95 -6.65 33.26
N ASN A 502 26.84 -7.40 33.28
CA ASN A 502 25.68 -6.90 32.57
C ASN A 502 24.29 -7.42 32.98
N GLN A 503 24.13 -7.83 34.23
CA GLN A 503 22.98 -8.61 34.63
C GLN A 503 22.01 -7.47 34.96
N ALA A 504 20.78 -7.47 34.42
CA ALA A 504 19.85 -6.45 34.89
C ALA A 504 18.87 -7.03 35.90
N GLU A 505 18.59 -6.28 36.96
CA GLU A 505 17.49 -6.62 37.85
C GLU A 505 16.59 -5.40 37.98
N ILE A 506 15.35 -5.54 37.52
CA ILE A 506 14.40 -4.45 37.49
C ILE A 506 13.21 -4.77 38.40
N THR A 507 12.97 -3.93 39.40
CA THR A 507 11.85 -4.17 40.31
C THR A 507 10.80 -3.08 40.20
N ILE A 508 9.59 -3.48 39.86
CA ILE A 508 8.47 -2.57 39.67
C ILE A 508 7.29 -3.08 40.48
N ASP A 509 6.75 -2.26 41.39
CA ASP A 509 5.58 -2.64 42.19
C ASP A 509 5.61 -4.05 42.79
N GLY A 510 6.75 -4.49 43.29
CA GLY A 510 6.83 -5.82 43.86
C GLY A 510 6.96 -6.99 42.88
N GLU A 511 7.31 -6.72 41.63
CA GLU A 511 7.64 -7.79 40.70
C GLU A 511 9.10 -7.62 40.33
N THR A 512 9.83 -8.72 40.24
CA THR A 512 11.23 -8.63 39.90
C THR A 512 11.47 -9.22 38.53
N TYR A 513 12.06 -8.44 37.64
CA TYR A 513 12.34 -8.89 36.30
C TYR A 513 13.84 -9.07 36.16
N ASP A 514 14.26 -10.31 35.92
CA ASP A 514 15.68 -10.62 35.74
C ASP A 514 16.05 -10.80 34.28
N GLY A 515 17.11 -10.11 33.86
CA GLY A 515 17.60 -10.26 32.50
C GLY A 515 18.97 -9.63 32.36
N VAL A 516 19.21 -8.94 31.25
CA VAL A 516 20.52 -8.36 30.99
C VAL A 516 20.43 -6.98 30.34
N PHE A 517 21.43 -6.14 30.59
CA PHE A 517 21.67 -4.94 29.80
C PHE A 517 22.52 -5.32 28.59
N VAL A 518 22.15 -4.83 27.42
CA VAL A 518 22.83 -5.22 26.18
C VAL A 518 22.68 -4.11 25.12
N ARG A 519 23.59 -4.02 24.17
CA ARG A 519 23.55 -2.96 23.19
C ARG A 519 22.66 -3.38 22.01
N GLN A 520 21.84 -2.46 21.49
CA GLN A 520 20.93 -2.80 20.40
C GLN A 520 20.95 -1.78 19.26
N TRP A 521 20.66 -2.25 18.05
CA TRP A 521 20.45 -1.35 16.93
C TRP A 521 18.99 -0.85 16.89
N ASP A 522 18.80 0.46 17.02
CA ASP A 522 17.49 1.09 16.90
C ASP A 522 17.33 1.72 15.52
N PRO A 523 16.58 1.05 14.63
CA PRO A 523 16.59 1.45 13.23
C PRO A 523 15.85 2.77 12.99
N THR A 524 15.15 3.29 14.00
CA THR A 524 14.42 4.54 13.86
C THR A 524 15.36 5.71 14.06
N SER A 525 16.09 5.74 15.17
CA SER A 525 17.04 6.82 15.42
C SER A 525 18.39 6.51 14.76
N LYS A 526 18.50 5.31 14.21
CA LYS A 526 19.69 4.88 13.48
C LYS A 526 20.99 4.98 14.30
N ARG A 527 20.87 4.69 15.59
CA ARG A 527 22.01 4.63 16.50
C ARG A 527 21.98 3.29 17.25
N TYR A 528 23.12 2.86 17.80
CA TYR A 528 23.12 1.77 18.79
C TYR A 528 22.75 2.32 20.17
N VAL A 529 21.91 1.59 20.90
CA VAL A 529 21.40 2.11 22.16
C VAL A 529 21.58 1.12 23.29
N MET A 530 21.61 1.62 24.53
CA MET A 530 21.51 0.77 25.69
C MET A 530 20.12 0.19 25.72
N ALA A 531 20.02 -1.06 26.15
CA ALA A 531 18.72 -1.71 26.22
C ALA A 531 18.73 -2.81 27.26
N PHE A 532 17.57 -3.17 27.76
CA PHE A 532 17.50 -4.35 28.60
C PHE A 532 16.31 -5.22 28.21
N THR A 533 16.41 -6.51 28.52
CA THR A 533 15.28 -7.40 28.54
C THR A 533 15.31 -8.21 29.82
N ALA A 534 14.16 -8.38 30.43
CA ALA A 534 14.08 -9.06 31.73
C ALA A 534 12.79 -9.85 31.85
N LEU A 535 12.81 -10.89 32.68
CA LEU A 535 11.68 -11.81 32.81
C LEU A 535 11.32 -12.01 34.26
N SER A 536 10.04 -11.82 34.60
CA SER A 536 9.60 -12.08 35.97
C SER A 536 9.25 -13.54 36.12
N ASN A 537 9.15 -13.99 37.37
CA ASN A 537 8.65 -15.33 37.64
C ASN A 537 7.14 -15.41 37.55
N GLU A 538 6.54 -14.48 36.80
CA GLU A 538 5.15 -14.59 36.39
C GLU A 538 5.15 -14.92 34.91
N GLY A 539 6.36 -15.05 34.36
CA GLY A 539 6.54 -15.33 32.95
C GLY A 539 6.26 -14.11 32.08
N VAL A 540 6.46 -12.93 32.65
CA VAL A 540 6.26 -11.70 31.90
C VAL A 540 7.60 -11.11 31.48
N SER A 541 7.71 -10.74 30.22
CA SER A 541 8.91 -10.11 29.71
C SER A 541 8.73 -8.61 29.55
N ILE A 542 9.67 -7.81 30.05
CA ILE A 542 9.69 -6.37 29.77
C ILE A 542 10.92 -5.96 28.98
N TRP A 543 10.74 -5.07 28.01
CA TRP A 543 11.81 -4.57 27.17
C TRP A 543 12.13 -3.10 27.47
N GLY A 544 13.40 -2.74 27.34
CA GLY A 544 13.82 -1.38 27.58
C GLY A 544 14.69 -0.89 26.46
N SER A 545 14.33 0.26 25.91
CA SER A 545 15.14 0.91 24.92
C SER A 545 15.43 2.29 25.45
N LYS A 546 16.71 2.66 25.51
CA LYS A 546 17.11 3.92 26.12
C LYS A 546 16.99 5.10 25.16
N LEU A 547 16.20 6.09 25.58
CA LEU A 547 16.09 7.35 24.84
C LEU A 547 17.37 8.14 24.99
N ALA A 548 17.68 8.98 24.00
CA ALA A 548 18.83 9.88 24.12
C ALA A 548 18.61 10.91 25.23
N ASP A 549 19.69 11.38 25.84
CA ASP A 549 19.56 12.34 26.92
C ASP A 549 19.12 13.71 26.42
N LYS A 550 18.02 14.20 27.01
CA LYS A 550 17.41 15.48 26.64
C LYS A 550 16.76 16.13 27.88
N THR A 551 16.85 17.46 28.01
CA THR A 551 16.05 18.14 29.04
C THR A 551 14.75 18.57 28.43
N ASP A 552 13.80 18.92 29.29
CA ASP A 552 12.50 19.34 28.80
C ASP A 552 12.57 20.47 27.75
N GLU A 553 13.36 21.51 28.02
CA GLU A 553 13.53 22.61 27.07
C GLU A 553 14.04 22.10 25.72
N GLU A 554 14.71 20.96 25.71
CA GLU A 554 15.17 20.38 24.45
C GLU A 554 14.10 19.54 23.79
N ILE A 555 13.28 18.88 24.61
CA ILE A 555 12.21 18.05 24.10
C ILE A 555 11.19 18.90 23.35
N VAL A 556 10.70 19.95 23.99
CA VAL A 556 9.71 20.82 23.38
C VAL A 556 10.22 21.42 22.07
N GLU A 557 11.53 21.58 21.93
CA GLU A 557 12.02 22.14 20.69
C GLU A 557 12.19 21.02 19.66
N ASP A 558 12.49 19.79 20.10
CA ASP A 558 12.48 18.67 19.17
C ASP A 558 11.07 18.39 18.65
N VAL A 559 10.09 18.50 19.53
CA VAL A 559 8.70 18.32 19.16
C VAL A 559 8.32 19.40 18.14
N ALA A 560 8.58 20.66 18.45
CA ALA A 560 8.21 21.74 17.53
C ALA A 560 8.82 21.51 16.14
N SER A 561 10.10 21.16 16.06
CA SER A 561 10.71 20.92 14.75
C SER A 561 10.13 19.73 13.97
N ASP A 562 9.52 18.77 14.67
CA ASP A 562 8.99 17.59 14.01
C ASP A 562 7.54 17.79 13.60
N LEU A 563 6.82 18.58 14.39
CA LEU A 563 5.39 18.80 14.20
C LEU A 563 5.06 19.33 12.80
N ASP A 564 4.53 18.48 11.94
CA ASP A 564 4.19 18.85 10.59
C ASP A 564 2.76 18.43 10.23
N LEU A 565 1.95 19.38 9.79
CA LEU A 565 0.58 19.11 9.41
C LEU A 565 0.44 18.74 7.94
N GLY A 566 1.57 18.59 7.25
CA GLY A 566 1.57 18.37 5.82
C GLY A 566 1.25 19.65 5.05
N ASP A 567 0.90 19.49 3.78
CA ASP A 567 0.53 20.63 2.96
C ASP A 567 -0.71 21.32 3.51
N THR A 568 -0.52 22.53 4.02
CA THR A 568 -1.64 23.31 4.56
C THR A 568 -2.04 24.44 3.61
N ASP A 569 -1.55 24.36 2.38
CA ASP A 569 -1.87 25.38 1.39
C ASP A 569 -3.16 25.06 0.62
N HIS A 570 -3.43 23.79 0.34
CA HIS A 570 -4.58 23.40 -0.50
C HIS A 570 -5.53 22.45 0.25
N VAL A 571 -5.98 22.90 1.41
CA VAL A 571 -6.69 22.04 2.35
C VAL A 571 -8.13 21.81 1.95
N VAL A 572 -8.51 20.55 1.77
CA VAL A 572 -9.91 20.21 1.46
C VAL A 572 -10.50 19.23 2.49
N SER A 573 -9.66 18.48 3.17
CA SER A 573 -10.11 17.59 4.23
C SER A 573 -9.82 18.15 5.63
N ASN A 574 -10.39 17.50 6.64
CA ASN A 574 -10.00 17.74 8.03
C ASN A 574 -8.52 17.47 8.26
N LEU A 575 -7.90 18.31 9.07
CA LEU A 575 -6.51 18.11 9.48
C LEU A 575 -6.47 17.32 10.80
N HIS A 576 -5.53 16.38 10.92
CA HIS A 576 -5.28 15.71 12.21
C HIS A 576 -4.26 16.51 13.03
N LEU A 577 -4.72 17.01 14.18
CA LEU A 577 -3.87 17.78 15.09
C LEU A 577 -3.46 16.96 16.33
N PRO A 578 -2.22 16.44 16.33
CA PRO A 578 -1.68 15.65 17.45
C PRO A 578 -1.69 16.39 18.77
N THR A 579 -2.35 15.81 19.79
CA THR A 579 -2.35 16.41 21.12
C THR A 579 -1.17 15.93 21.95
N GLU A 580 -0.40 14.99 21.41
CA GLU A 580 0.66 14.39 22.20
C GLU A 580 1.94 14.19 21.41
N GLY A 581 3.03 14.65 22.01
CA GLY A 581 4.36 14.41 21.48
C GLY A 581 5.09 13.42 22.37
N THR A 582 6.35 13.15 22.02
CA THR A 582 7.13 12.15 22.73
C THR A 582 7.29 12.49 24.19
N ARG A 583 7.52 11.47 25.01
CA ARG A 583 7.77 11.61 26.44
C ARG A 583 6.71 12.45 27.16
N HIS A 584 5.46 12.26 26.74
CA HIS A 584 4.27 12.83 27.40
C HIS A 584 4.12 14.33 27.24
N THR A 585 4.77 14.90 26.24
CA THR A 585 4.59 16.31 25.89
C THR A 585 3.15 16.61 25.43
N VAL A 586 2.48 17.53 26.12
CA VAL A 586 1.16 17.95 25.66
C VAL A 586 1.30 18.94 24.51
N ILE A 587 0.46 18.77 23.47
CA ILE A 587 0.38 19.75 22.39
C ILE A 587 -1.04 20.27 22.33
N SER A 588 -1.26 21.53 22.73
CA SER A 588 -2.61 22.06 22.67
C SER A 588 -2.78 22.99 21.46
N TRP A 589 -4.02 23.12 20.98
CA TRP A 589 -4.24 23.89 19.76
C TRP A 589 -5.27 25.01 19.89
N THR A 590 -4.96 26.13 19.24
CA THR A 590 -5.93 27.20 19.07
C THR A 590 -5.99 27.63 17.60
N THR A 591 -7.14 28.15 17.19
CA THR A 591 -7.31 28.64 15.83
C THR A 591 -7.58 30.13 15.83
N SER A 592 -7.12 30.83 14.79
CA SER A 592 -7.41 32.27 14.66
C SER A 592 -8.82 32.53 14.15
N ASP A 593 -9.45 31.52 13.55
CA ASP A 593 -10.82 31.71 13.08
C ASP A 593 -11.57 30.39 13.03
N ALA A 594 -12.37 30.15 14.06
CA ALA A 594 -13.13 28.91 14.18
C ALA A 594 -14.07 28.62 12.98
N LYS A 595 -14.37 29.64 12.17
CA LYS A 595 -15.26 29.46 11.02
C LYS A 595 -14.53 28.86 9.80
N VAL A 596 -13.20 28.94 9.80
CA VAL A 596 -12.37 28.33 8.76
C VAL A 596 -11.88 26.92 9.15
N VAL A 597 -11.44 26.79 10.41
CA VAL A 597 -10.92 25.53 10.96
C VAL A 597 -10.95 25.52 12.47
N SER A 598 -11.42 24.42 13.07
CA SER A 598 -11.63 24.35 14.52
C SER A 598 -10.37 23.96 15.28
N GLU A 599 -10.44 24.06 16.61
CA GLU A 599 -9.34 23.68 17.51
C GLU A 599 -8.87 22.25 17.30
N THR A 600 -9.78 21.39 16.86
CA THR A 600 -9.50 19.98 16.63
C THR A 600 -9.15 19.66 15.15
N GLY A 601 -9.21 20.67 14.30
CA GLY A 601 -8.74 20.53 12.92
C GLY A 601 -9.83 20.26 11.89
N VAL A 602 -11.08 20.50 12.29
CA VAL A 602 -12.20 20.34 11.38
C VAL A 602 -12.33 21.60 10.53
N VAL A 603 -12.19 21.42 9.21
CA VAL A 603 -12.23 22.53 8.26
C VAL A 603 -13.64 22.72 7.72
N HIS A 604 -13.93 23.96 7.36
CA HIS A 604 -15.23 24.34 6.85
C HIS A 604 -15.04 25.05 5.52
N ARG A 605 -15.08 24.24 4.46
CA ARG A 605 -14.92 24.74 3.10
C ARG A 605 -16.05 25.68 2.73
N PRO A 606 -15.69 26.77 2.05
CA PRO A 606 -16.69 27.70 1.50
C PRO A 606 -17.54 27.05 0.40
N GLU A 607 -18.78 27.48 0.25
CA GLU A 607 -19.64 27.01 -0.83
C GLU A 607 -19.03 27.30 -2.20
N VAL A 608 -19.28 26.42 -3.18
CA VAL A 608 -18.86 26.60 -4.58
C VAL A 608 -18.92 28.07 -5.04
N GLY A 609 -17.91 28.48 -5.81
CA GLY A 609 -17.86 29.84 -6.33
C GLY A 609 -17.63 30.90 -5.27
N SER A 610 -16.70 30.59 -4.35
CA SER A 610 -16.24 31.54 -3.33
C SER A 610 -14.75 31.67 -3.42
N ALA A 611 -14.22 32.69 -2.76
CA ALA A 611 -12.77 32.82 -2.68
C ALA A 611 -12.24 31.86 -1.61
N PRO A 612 -11.05 31.29 -1.85
CA PRO A 612 -10.38 30.47 -0.83
C PRO A 612 -10.21 31.27 0.44
N VAL A 613 -10.08 30.57 1.55
CA VAL A 613 -10.16 31.23 2.84
C VAL A 613 -8.93 30.82 3.67
N THR A 614 -8.54 31.66 4.62
CA THR A 614 -7.39 31.31 5.47
C THR A 614 -7.55 31.58 6.96
N ALA A 615 -6.96 30.70 7.74
CA ALA A 615 -6.82 30.88 9.17
C ALA A 615 -5.44 30.39 9.61
N THR A 616 -5.14 30.58 10.89
CA THR A 616 -3.83 30.22 11.38
C THR A 616 -4.02 29.42 12.68
N LEU A 617 -3.43 28.23 12.69
CA LEU A 617 -3.52 27.35 13.85
C LEU A 617 -2.23 27.46 14.67
N THR A 618 -2.39 27.62 15.98
CA THR A 618 -1.23 27.72 16.88
C THR A 618 -1.09 26.52 17.80
N ALA A 619 0.06 25.87 17.72
CA ALA A 619 0.38 24.79 18.65
C ALA A 619 1.21 25.29 19.83
N THR A 620 0.63 25.19 21.03
CA THR A 620 1.42 25.39 22.25
C THR A 620 1.92 24.03 22.80
N ILE A 621 3.24 23.91 22.85
CA ILE A 621 3.93 22.66 23.16
C ILE A 621 4.63 22.68 24.52
N THR A 622 4.14 21.91 25.49
CA THR A 622 4.68 21.97 26.85
C THR A 622 5.13 20.64 27.43
N LYS A 623 6.40 20.56 27.80
CA LYS A 623 6.90 19.45 28.61
C LYS A 623 7.43 20.03 29.93
N GLY A 624 6.70 19.72 31.02
CA GLY A 624 7.05 20.22 32.33
C GLY A 624 7.00 21.73 32.39
N ASP A 625 8.14 22.37 32.62
CA ASP A 625 8.24 23.82 32.73
C ASP A 625 8.61 24.50 31.42
N ALA A 626 8.94 23.71 30.41
CA ALA A 626 9.32 24.26 29.11
C ALA A 626 8.09 24.55 28.22
N THR A 627 8.29 25.41 27.23
CA THR A 627 7.24 25.76 26.28
C THR A 627 7.82 26.16 24.92
N ALA A 628 7.18 25.68 23.85
CA ALA A 628 7.47 26.11 22.50
C ALA A 628 6.16 26.47 21.79
N THR A 629 6.31 27.23 20.71
CA THR A 629 5.15 27.61 19.93
C THR A 629 5.45 27.38 18.47
N LYS A 630 4.48 26.81 17.75
CA LYS A 630 4.60 26.74 16.32
C LYS A 630 3.28 27.17 15.71
N VAL A 631 3.36 28.02 14.69
CA VAL A 631 2.14 28.41 13.99
C VAL A 631 2.08 27.79 12.60
N PHE A 632 0.86 27.40 12.22
CA PHE A 632 0.60 26.82 10.91
C PHE A 632 -0.41 27.68 10.17
N HIS A 633 -0.05 28.08 8.94
CA HIS A 633 -0.96 28.88 8.11
C HIS A 633 -1.79 28.00 7.19
N ILE A 634 -3.09 28.02 7.41
CA ILE A 634 -3.99 27.13 6.70
C ILE A 634 -4.79 27.87 5.61
N THR A 635 -4.71 27.38 4.37
CA THR A 635 -5.63 27.86 3.33
C THR A 635 -6.64 26.77 3.00
N VAL A 636 -7.92 27.06 3.18
CA VAL A 636 -8.98 26.09 2.86
C VAL A 636 -9.64 26.40 1.51
N LEU A 637 -9.62 25.42 0.59
CA LEU A 637 -10.25 25.60 -0.72
C LEU A 637 -11.76 25.48 -0.66
N PRO A 638 -12.48 26.31 -1.45
CA PRO A 638 -13.94 26.18 -1.52
C PRO A 638 -14.28 24.92 -2.27
N TYR A 639 -15.47 24.38 -2.04
CA TYR A 639 -15.95 23.20 -2.76
C TYR A 639 -15.78 23.22 -4.30
N LYS B 44 -1.13 -10.81 -28.80
CA LYS B 44 -1.86 -9.77 -29.52
C LYS B 44 -2.23 -8.60 -28.59
N ASP B 45 -2.30 -8.89 -27.29
CA ASP B 45 -2.61 -7.89 -26.26
C ASP B 45 -1.64 -6.72 -26.35
N PRO B 46 -2.16 -5.49 -26.16
CA PRO B 46 -1.32 -4.31 -26.03
C PRO B 46 -0.44 -4.33 -24.78
N GLN B 47 0.76 -3.76 -24.90
CA GLN B 47 1.63 -3.64 -23.74
C GLN B 47 1.83 -2.17 -23.39
N PHE B 48 1.76 -1.86 -22.10
CA PHE B 48 1.98 -0.50 -21.63
C PHE B 48 3.24 -0.40 -20.78
N THR B 49 3.85 0.78 -20.75
CA THR B 49 4.94 1.05 -19.82
C THR B 49 4.72 2.40 -19.21
N ASN B 50 4.50 2.44 -17.91
CA ASN B 50 4.10 3.66 -17.24
C ASN B 50 5.25 4.52 -16.73
N VAL B 51 5.03 5.84 -16.70
CA VAL B 51 5.96 6.77 -16.06
C VAL B 51 5.18 7.82 -15.27
N SER B 52 5.83 8.46 -14.30
CA SER B 52 5.17 9.56 -13.59
C SER B 52 5.74 10.89 -14.05
N VAL B 53 4.92 11.66 -14.75
CA VAL B 53 5.31 12.99 -15.19
C VAL B 53 4.14 13.92 -14.95
N HIS B 54 4.14 14.60 -13.82
CA HIS B 54 3.04 15.49 -13.48
C HIS B 54 2.95 16.61 -14.50
N ASP B 55 1.71 16.94 -14.89
CA ASP B 55 1.44 18.03 -15.84
C ASP B 55 2.20 17.89 -17.15
N PRO B 56 2.06 16.74 -17.82
CA PRO B 56 2.87 16.49 -19.01
C PRO B 56 2.46 17.36 -20.21
N SER B 57 3.36 17.49 -21.16
CA SER B 57 3.15 18.41 -22.25
C SER B 57 3.75 17.80 -23.50
N ILE B 58 2.88 17.24 -24.34
CA ILE B 58 3.31 16.42 -25.45
C ILE B 58 3.95 17.30 -26.52
N VAL B 59 4.95 16.74 -27.19
CA VAL B 59 5.57 17.39 -28.35
C VAL B 59 6.25 16.31 -29.19
N LYS B 60 6.14 16.41 -30.51
CA LYS B 60 6.73 15.40 -31.38
C LYS B 60 7.98 15.93 -32.04
N ASP B 61 8.98 15.07 -32.12
CA ASP B 61 10.25 15.40 -32.75
C ASP B 61 10.73 14.17 -33.50
N GLY B 62 10.62 14.22 -34.81
CA GLY B 62 10.92 13.06 -35.61
C GLY B 62 9.98 11.93 -35.24
N ASP B 63 10.51 10.73 -35.12
CA ASP B 63 9.67 9.56 -34.89
C ASP B 63 9.39 9.31 -33.42
N THR B 64 9.65 10.30 -32.57
CA THR B 64 9.56 10.13 -31.11
C THR B 64 8.71 11.19 -30.42
N TYR B 65 7.80 10.75 -29.54
CA TYR B 65 6.96 11.67 -28.76
C TYR B 65 7.59 12.00 -27.40
N TYR B 66 7.62 13.29 -27.05
CA TYR B 66 8.14 13.69 -25.76
C TYR B 66 7.05 14.25 -24.89
N ILE B 67 7.16 14.00 -23.60
CA ILE B 67 6.36 14.74 -22.64
C ILE B 67 7.29 15.42 -21.65
N PHE B 68 7.05 16.71 -21.42
CA PHE B 68 7.77 17.47 -20.43
C PHE B 68 6.84 17.92 -19.32
N GLY B 69 7.15 17.57 -18.08
CA GLY B 69 6.28 17.92 -16.98
C GLY B 69 6.90 18.79 -15.90
N SER B 70 6.15 18.96 -14.82
CA SER B 70 6.64 19.65 -13.65
C SER B 70 7.80 18.94 -12.96
N HIS B 71 8.59 19.72 -12.22
CA HIS B 71 9.69 19.20 -11.43
C HIS B 71 10.76 18.56 -12.30
N ILE B 72 10.99 19.19 -13.44
CA ILE B 72 12.01 18.81 -14.41
C ILE B 72 12.04 17.31 -14.67
N GLU B 73 10.88 16.77 -15.02
CA GLU B 73 10.73 15.39 -15.37
C GLU B 73 10.32 15.34 -16.83
N ALA B 74 10.76 14.34 -17.56
CA ALA B 74 10.43 14.20 -18.97
C ALA B 74 10.61 12.76 -19.44
N ALA B 75 9.77 12.33 -20.38
CA ALA B 75 9.83 10.96 -20.88
C ALA B 75 9.58 10.91 -22.36
N LYS B 76 9.99 9.81 -22.99
CA LYS B 76 9.80 9.67 -24.42
C LYS B 76 9.19 8.31 -24.77
N SER B 77 8.57 8.25 -25.93
CA SER B 77 7.89 7.05 -26.41
C SER B 77 7.77 7.09 -27.92
N LYS B 78 7.81 5.93 -28.56
CA LYS B 78 7.64 5.92 -30.00
C LYS B 78 6.19 5.61 -30.39
N ASP B 79 5.37 5.23 -29.40
CA ASP B 79 4.02 4.72 -29.67
C ASP B 79 2.87 5.29 -28.82
N LEU B 80 3.17 6.20 -27.90
CA LEU B 80 2.18 6.77 -26.97
C LEU B 80 1.62 5.74 -25.97
N MET B 81 2.30 4.60 -25.84
CA MET B 81 1.89 3.54 -24.91
C MET B 81 2.99 3.13 -23.91
N ASN B 82 4.19 2.88 -24.44
CA ASN B 82 5.34 2.57 -23.62
C ASN B 82 6.27 3.75 -23.47
N TRP B 83 6.24 4.37 -22.31
CA TRP B 83 7.08 5.53 -22.04
C TRP B 83 8.38 5.10 -21.37
N GLU B 84 9.33 6.03 -21.31
CA GLU B 84 10.62 5.81 -20.67
C GLU B 84 11.19 7.14 -20.23
N LYS B 85 11.46 7.27 -18.93
CA LYS B 85 11.93 8.55 -18.43
C LYS B 85 13.44 8.71 -18.68
N PHE B 86 13.87 9.94 -18.91
CA PHE B 86 15.29 10.19 -19.16
C PHE B 86 15.85 11.34 -18.30
N THR B 87 14.99 12.07 -17.61
CA THR B 87 15.44 13.17 -16.77
C THR B 87 15.96 12.66 -15.43
N ASN B 88 16.26 13.59 -14.53
CA ASN B 88 16.70 13.24 -13.19
C ASN B 88 16.09 14.12 -12.12
N GLY B 89 15.06 14.88 -12.47
CA GLY B 89 14.35 15.67 -11.49
C GLY B 89 15.14 16.90 -11.11
N TYR B 90 15.15 17.21 -9.82
CA TYR B 90 15.79 18.43 -9.32
C TYR B 90 17.29 18.22 -8.98
N THR B 91 17.84 17.10 -9.46
CA THR B 91 19.27 16.84 -9.41
C THR B 91 20.09 17.98 -10.04
N THR B 92 20.88 18.68 -9.23
CA THR B 92 21.77 19.73 -9.74
C THR B 92 23.09 19.71 -8.97
N PRO B 93 24.22 19.98 -9.68
CA PRO B 93 24.30 20.23 -11.11
C PRO B 93 24.30 18.93 -11.89
N ASN B 94 24.71 18.98 -13.15
CA ASN B 94 24.51 17.88 -14.08
C ASN B 94 23.01 17.54 -14.18
N ASN B 95 22.17 18.57 -14.08
CA ASN B 95 20.74 18.42 -14.35
C ASN B 95 20.49 18.22 -15.85
N LYS B 96 19.64 17.25 -16.18
CA LYS B 96 19.50 16.83 -17.57
C LYS B 96 19.02 17.95 -18.48
N LEU B 97 18.09 18.75 -17.97
CA LEU B 97 17.49 19.79 -18.80
C LEU B 97 18.19 21.14 -18.62
N TYR B 98 18.64 21.46 -17.41
CA TYR B 98 19.13 22.81 -17.19
C TYR B 98 20.59 22.97 -16.74
N GLY B 99 21.38 21.90 -16.73
CA GLY B 99 22.77 21.98 -16.31
C GLY B 99 22.97 22.31 -14.83
N ASP B 100 23.62 23.43 -14.54
CA ASP B 100 23.70 23.89 -13.15
C ASP B 100 22.45 24.71 -12.91
N LEU B 101 21.40 24.02 -12.45
CA LEU B 101 20.06 24.61 -12.33
C LEU B 101 20.06 26.01 -11.75
N SER B 102 20.93 26.26 -10.77
CA SER B 102 20.81 27.52 -10.04
C SER B 102 21.57 28.68 -10.67
N LYS B 103 22.71 28.37 -11.29
CA LYS B 103 23.42 29.40 -12.03
C LYS B 103 22.59 29.72 -13.26
N ASN B 104 22.23 28.67 -14.02
CA ASN B 104 21.51 28.79 -15.29
C ASN B 104 20.28 29.67 -15.26
N LEU B 105 19.34 29.32 -14.39
CA LEU B 105 18.04 29.97 -14.35
C LEU B 105 17.95 31.02 -13.25
N ALA B 106 19.09 31.63 -12.96
CA ALA B 106 19.17 32.48 -11.77
C ALA B 106 18.27 33.69 -11.96
N GLY B 107 18.12 34.10 -13.22
CA GLY B 107 17.28 35.25 -13.57
C GLY B 107 15.87 35.14 -13.03
N SER B 108 15.30 33.94 -13.12
CA SER B 108 13.96 33.68 -12.61
C SER B 108 13.99 33.54 -11.10
N PHE B 109 14.99 32.79 -10.61
CA PHE B 109 15.07 32.48 -9.17
C PHE B 109 15.28 33.72 -8.30
N LYS B 110 15.75 34.82 -8.90
CA LYS B 110 15.79 36.12 -8.21
C LYS B 110 14.40 36.54 -7.72
N TRP B 111 13.36 36.02 -8.38
CA TRP B 111 12.00 36.47 -8.10
C TRP B 111 11.18 35.42 -7.35
N ALA B 112 11.32 34.16 -7.73
CA ALA B 112 10.62 33.06 -7.06
C ALA B 112 11.15 31.69 -7.41
N GLY B 113 10.79 30.71 -6.59
CA GLY B 113 11.02 29.31 -6.94
C GLY B 113 12.25 28.61 -6.43
N GLU B 114 13.11 29.34 -5.71
CA GLU B 114 14.36 28.78 -5.16
C GLU B 114 14.49 29.06 -3.66
N ASN B 115 14.52 28.00 -2.85
CA ASN B 115 14.59 28.08 -1.39
C ASN B 115 13.85 29.31 -0.86
N ASP B 116 12.60 29.47 -1.26
CA ASP B 116 11.88 30.69 -0.97
C ASP B 116 10.40 30.43 -0.66
N ALA B 117 9.95 30.98 0.45
CA ALA B 117 8.63 30.71 1.06
C ALA B 117 8.15 29.25 0.89
N ASP B 118 7.21 29.00 -0.01
CA ASP B 118 6.69 27.64 -0.19
C ASP B 118 7.68 26.75 -0.95
N SER B 119 8.75 27.35 -1.46
CA SER B 119 9.80 26.54 -2.08
C SER B 119 11.06 26.47 -1.17
N LYS B 120 10.87 26.77 0.11
CA LYS B 120 11.97 26.71 1.08
C LYS B 120 12.63 25.35 1.04
N GLY B 121 13.94 25.35 0.86
CA GLY B 121 14.73 24.13 0.89
C GLY B 121 14.73 23.34 -0.39
N GLY B 122 13.95 23.76 -1.37
CA GLY B 122 13.86 23.00 -2.59
C GLY B 122 13.80 23.89 -3.80
N PHE B 123 13.17 23.38 -4.85
CA PHE B 123 12.92 24.17 -6.05
C PHE B 123 11.46 24.06 -6.45
N ALA B 124 11.02 24.98 -7.31
CA ALA B 124 9.70 24.92 -7.93
C ALA B 124 9.82 25.35 -9.39
N VAL B 125 9.95 24.36 -10.27
CA VAL B 125 9.93 24.57 -11.71
C VAL B 125 8.72 23.84 -12.32
N TRP B 126 7.59 24.56 -12.39
CA TRP B 126 6.31 23.92 -12.73
C TRP B 126 5.88 24.05 -14.18
N ALA B 127 5.26 22.98 -14.69
CA ALA B 127 4.43 22.99 -15.89
C ALA B 127 5.03 23.72 -17.07
N PRO B 128 6.06 23.14 -17.68
CA PRO B 128 6.64 23.72 -18.88
C PRO B 128 5.88 23.36 -20.15
N ASP B 129 6.17 24.08 -21.24
CA ASP B 129 5.82 23.64 -22.58
C ASP B 129 7.11 23.68 -23.40
N VAL B 130 7.21 22.80 -24.40
CA VAL B 130 8.39 22.70 -25.27
C VAL B 130 8.00 22.58 -26.75
N PHE B 131 8.53 23.43 -27.62
CA PHE B 131 8.30 23.27 -29.07
C PHE B 131 9.49 23.67 -29.94
N TRP B 132 9.54 23.13 -31.15
CA TRP B 132 10.53 23.60 -32.11
C TRP B 132 10.12 24.97 -32.64
N ASN B 133 11.09 25.86 -32.73
CA ASN B 133 10.88 27.18 -33.33
C ASN B 133 11.86 27.37 -34.47
N LYS B 134 11.36 27.34 -35.70
CA LYS B 134 12.21 27.54 -36.87
C LYS B 134 12.72 28.99 -37.00
N ASP B 135 12.04 29.94 -36.36
CA ASP B 135 12.34 31.36 -36.56
C ASP B 135 13.14 32.03 -35.44
N TYR B 136 13.48 31.28 -34.41
CA TYR B 136 14.22 31.85 -33.28
C TYR B 136 15.68 32.12 -33.68
N VAL B 137 16.09 33.37 -33.50
CA VAL B 137 17.47 33.80 -33.71
C VAL B 137 18.35 33.37 -32.55
N ASN B 138 19.29 32.47 -32.80
CA ASN B 138 20.21 32.01 -31.78
C ASN B 138 21.32 33.02 -31.47
N GLU B 139 22.24 32.62 -30.61
CA GLU B 139 23.45 33.41 -30.32
C GLU B 139 24.36 33.40 -31.55
N ASP B 140 24.61 32.18 -32.03
CA ASP B 140 25.41 31.88 -33.21
C ASP B 140 24.99 32.64 -34.48
N GLY B 141 23.82 33.25 -34.46
CA GLY B 141 23.28 33.93 -35.63
C GLY B 141 22.47 32.97 -36.48
N THR B 142 22.65 31.67 -36.26
CA THR B 142 21.86 30.63 -36.90
C THR B 142 20.42 30.68 -36.39
N LYS B 143 19.49 30.23 -37.21
CA LYS B 143 18.09 30.26 -36.78
C LYS B 143 17.48 28.87 -36.62
N GLY B 144 16.89 28.65 -35.46
CA GLY B 144 16.32 27.37 -35.10
C GLY B 144 16.68 26.94 -33.70
N ALA B 145 15.68 26.67 -32.87
CA ALA B 145 15.94 26.23 -31.50
C ALA B 145 14.76 25.46 -30.90
N TYR B 146 15.04 24.54 -30.00
CA TYR B 146 14.01 24.02 -29.13
C TYR B 146 13.83 24.99 -27.99
N MET B 147 12.60 25.40 -27.70
CA MET B 147 12.37 26.32 -26.59
C MET B 147 11.67 25.57 -25.46
N ILE B 148 12.00 25.91 -24.22
CA ILE B 148 11.22 25.45 -23.09
C ILE B 148 10.76 26.67 -22.32
N TYR B 149 9.45 26.93 -22.33
CA TYR B 149 8.89 27.95 -21.46
C TYR B 149 8.50 27.25 -20.16
N TYR B 150 9.06 27.71 -19.06
CA TYR B 150 8.88 27.07 -17.77
C TYR B 150 8.26 28.07 -16.81
N SER B 151 8.01 27.62 -15.60
CA SER B 151 7.33 28.40 -14.59
C SER B 151 8.09 28.30 -13.24
N VAL B 152 8.16 29.38 -12.46
CA VAL B 152 8.76 29.29 -11.12
C VAL B 152 7.82 29.95 -10.13
N SER B 153 7.83 29.52 -8.88
CA SER B 153 6.78 29.89 -7.95
C SER B 153 7.19 29.77 -6.46
N SER B 154 6.83 30.79 -5.68
CA SER B 154 7.16 30.78 -4.27
C SER B 154 5.94 30.94 -3.37
N THR B 155 4.88 31.58 -3.86
CA THR B 155 3.60 31.53 -3.15
C THR B 155 2.50 31.20 -4.12
N TYR B 156 1.26 31.38 -3.66
CA TYR B 156 0.10 31.16 -4.52
C TYR B 156 -0.05 32.25 -5.61
N ILE B 157 0.53 33.43 -5.36
CA ILE B 157 0.52 34.50 -6.37
C ILE B 157 1.88 34.96 -6.87
N ARG B 158 2.95 34.69 -6.13
CA ARG B 158 4.26 35.23 -6.51
C ARG B 158 5.03 34.21 -7.34
N SER B 159 4.86 34.32 -8.64
CA SER B 159 5.49 33.42 -9.59
C SER B 159 5.96 34.17 -10.83
N ALA B 160 6.56 33.44 -11.75
CA ALA B 160 6.97 34.04 -13.00
C ALA B 160 7.19 32.99 -14.08
N ILE B 161 7.12 33.43 -15.33
CA ILE B 161 7.40 32.58 -16.47
C ILE B 161 8.69 33.02 -17.17
N GLY B 162 9.50 32.05 -17.58
CA GLY B 162 10.68 32.35 -18.35
C GLY B 162 10.96 31.23 -19.32
N TYR B 163 11.98 31.40 -20.15
CA TYR B 163 12.31 30.36 -21.10
C TYR B 163 13.79 30.16 -21.30
N ALA B 164 14.13 28.97 -21.73
CA ALA B 164 15.48 28.62 -22.09
C ALA B 164 15.43 28.04 -23.49
N VAL B 165 16.56 27.99 -24.19
CA VAL B 165 16.59 27.41 -25.53
C VAL B 165 17.68 26.39 -25.66
N SER B 166 17.67 25.66 -26.77
CA SER B 166 18.61 24.56 -27.00
C SER B 166 18.51 23.96 -28.40
N LYS B 167 19.58 23.29 -28.82
CA LYS B 167 19.65 22.80 -30.20
C LYS B 167 19.30 21.32 -30.23
N HIS B 168 19.28 20.71 -29.06
CA HIS B 168 18.84 19.33 -28.90
C HIS B 168 17.64 19.32 -27.97
N ILE B 169 16.67 18.45 -28.23
CA ILE B 169 15.41 18.57 -27.51
C ILE B 169 15.55 18.01 -26.11
N GLU B 170 16.41 17.01 -25.92
CA GLU B 170 16.61 16.46 -24.57
C GLU B 170 17.50 17.39 -23.73
N GLY B 171 18.00 18.46 -24.36
CA GLY B 171 18.79 19.45 -23.64
C GLY B 171 20.27 19.37 -23.97
N PRO B 172 21.09 20.17 -23.28
CA PRO B 172 20.63 21.09 -22.22
C PRO B 172 20.14 22.44 -22.74
N TYR B 173 19.28 23.07 -21.93
CA TYR B 173 18.69 24.34 -22.27
C TYR B 173 19.36 25.50 -21.55
N LYS B 174 19.69 26.55 -22.30
CA LYS B 174 20.30 27.73 -21.71
C LYS B 174 19.26 28.82 -21.59
N TYR B 175 19.08 29.31 -20.36
CA TYR B 175 18.21 30.44 -20.06
C TYR B 175 18.31 31.58 -21.07
N VAL B 176 17.24 32.35 -21.19
CA VAL B 176 17.22 33.49 -22.11
C VAL B 176 16.64 34.71 -21.43
N ASP B 177 15.43 34.58 -20.87
CA ASP B 177 14.84 35.69 -20.14
C ASP B 177 13.72 35.23 -19.22
N THR B 178 13.23 36.15 -18.39
CA THR B 178 12.03 35.98 -17.57
C THR B 178 11.05 37.04 -18.05
N ILE B 179 9.85 36.64 -18.48
CA ILE B 179 8.98 37.54 -19.25
C ILE B 179 7.65 37.98 -18.60
N VAL B 180 7.09 37.17 -17.70
CA VAL B 180 5.85 37.58 -17.02
C VAL B 180 5.93 37.30 -15.51
N TYR B 181 5.49 38.28 -14.72
CA TYR B 181 5.60 38.20 -13.27
C TYR B 181 4.24 38.41 -12.61
N SER B 182 3.92 37.60 -11.61
CA SER B 182 2.78 37.91 -10.75
C SER B 182 3.20 38.01 -9.29
N GLY B 183 2.37 38.64 -8.46
CA GLY B 183 2.63 38.69 -7.04
C GLY B 183 3.48 39.85 -6.58
N PHE B 184 3.68 40.82 -7.46
CA PHE B 184 4.44 42.02 -7.12
C PHE B 184 3.57 43.00 -6.36
N THR B 185 4.19 43.88 -5.58
CA THR B 185 3.42 44.79 -4.73
C THR B 185 3.68 46.23 -5.10
N LYS B 186 2.83 47.14 -4.61
CA LYS B 186 2.94 48.55 -4.96
C LYS B 186 4.16 49.21 -4.31
N GLU B 187 4.48 48.71 -3.12
CA GLU B 187 5.58 49.22 -2.31
C GLU B 187 6.47 48.05 -1.92
N GLU B 188 7.62 48.35 -1.32
CA GLU B 188 8.55 47.33 -0.82
C GLU B 188 7.84 46.39 0.15
N ALA B 189 8.03 45.09 -0.04
CA ALA B 189 7.39 44.10 0.83
C ALA B 189 7.99 42.69 0.69
N TYR B 190 7.70 41.86 1.69
CA TYR B 190 8.35 40.56 1.81
C TYR B 190 7.39 39.48 2.26
N ASP B 191 7.45 38.34 1.59
CA ASP B 191 6.75 37.18 2.10
C ASP B 191 7.46 36.59 3.33
N ALA B 192 6.64 36.22 4.32
CA ALA B 192 7.10 35.47 5.48
C ALA B 192 8.05 34.33 5.07
N ASN B 193 9.24 34.31 5.66
CA ASN B 193 10.26 33.30 5.36
C ASN B 193 10.78 33.49 3.94
N SER B 194 10.98 34.75 3.55
CA SER B 194 11.57 35.09 2.26
C SER B 194 12.37 36.38 2.35
N LYS B 195 13.44 36.48 1.56
CA LYS B 195 14.25 37.70 1.51
C LYS B 195 14.01 38.55 0.27
N ILE B 196 13.19 38.07 -0.67
CA ILE B 196 12.93 38.76 -1.94
C ILE B 196 11.94 39.93 -1.81
N ASN B 197 12.42 41.13 -2.12
CA ASN B 197 11.56 42.32 -2.13
C ASN B 197 10.55 42.24 -3.26
N LYS B 198 9.27 42.29 -2.91
CA LYS B 198 8.19 42.06 -3.87
C LYS B 198 7.72 43.30 -4.64
N LYS B 199 8.26 44.48 -4.35
CA LYS B 199 7.84 45.69 -5.07
C LYS B 199 8.05 45.50 -6.57
N TRP B 200 7.13 46.06 -7.34
CA TRP B 200 7.05 45.82 -8.79
C TRP B 200 8.29 46.22 -9.56
N THR B 201 9.14 47.00 -8.89
CA THR B 201 10.36 47.54 -9.46
C THR B 201 11.44 46.48 -9.60
N ASN B 202 11.19 45.30 -9.02
CA ASN B 202 12.16 44.22 -9.07
C ASN B 202 11.85 43.22 -10.17
N THR B 203 10.85 43.56 -10.97
CA THR B 203 10.39 42.73 -12.10
C THR B 203 10.99 43.24 -13.41
N ASN B 204 10.49 42.75 -14.53
CA ASN B 204 10.97 43.28 -15.80
C ASN B 204 10.14 44.48 -16.23
N ILE B 205 9.19 44.86 -15.39
CA ILE B 205 8.29 45.97 -15.73
C ILE B 205 8.99 47.31 -15.93
N PRO B 206 9.93 47.71 -15.04
CA PRO B 206 10.49 49.06 -15.22
C PRO B 206 11.33 49.17 -16.48
N LYS B 207 11.94 48.07 -16.91
CA LYS B 207 12.69 48.05 -18.15
C LYS B 207 11.76 48.23 -19.35
N LEU B 208 10.56 47.63 -19.26
CA LEU B 208 9.58 47.78 -20.34
C LEU B 208 9.04 49.20 -20.36
N ILE B 209 8.86 49.81 -19.18
CA ILE B 209 8.37 51.18 -19.14
C ILE B 209 9.39 52.13 -19.77
N GLU B 210 10.67 51.88 -19.51
CA GLU B 210 11.73 52.67 -20.11
C GLU B 210 11.83 52.40 -21.60
N GLN B 211 11.65 51.15 -22.00
CA GLN B 211 11.67 50.80 -23.42
C GLN B 211 10.43 51.24 -24.21
N GLY B 212 9.45 51.85 -23.53
CA GLY B 212 8.23 52.30 -24.17
C GLY B 212 7.26 51.20 -24.60
N LYS B 213 7.48 49.99 -24.09
CA LYS B 213 6.56 48.88 -24.29
C LYS B 213 5.42 48.93 -23.26
N LEU B 214 5.55 49.78 -22.24
CA LEU B 214 4.46 50.09 -21.32
C LEU B 214 4.46 51.59 -21.05
N LYS B 215 3.31 52.13 -20.64
CA LYS B 215 3.25 53.51 -20.22
C LYS B 215 3.80 53.67 -18.79
N GLY B 216 3.30 52.83 -17.90
CA GLY B 216 3.61 52.91 -16.49
C GLY B 216 2.80 51.82 -15.81
N VAL B 217 2.88 51.71 -14.49
CA VAL B 217 2.08 50.71 -13.80
C VAL B 217 0.58 50.99 -13.93
N ARG B 218 -0.20 49.92 -13.86
CA ARG B 218 -1.65 50.01 -13.81
C ARG B 218 -2.12 50.00 -12.34
N ALA B 219 -2.79 51.06 -11.91
CA ALA B 219 -3.24 51.18 -10.53
C ALA B 219 -4.04 49.97 -10.01
N ASP B 220 -4.83 49.35 -10.89
CA ASP B 220 -5.73 48.25 -10.54
C ASP B 220 -5.00 46.92 -10.28
N TRP B 221 -3.74 46.87 -10.71
CA TRP B 221 -2.84 45.76 -10.37
C TRP B 221 -2.70 45.53 -8.87
N PHE B 222 -3.02 46.57 -8.08
CA PHE B 222 -2.88 46.50 -6.65
C PHE B 222 -4.17 46.82 -5.95
N HIS B 223 -4.42 46.10 -4.86
CA HIS B 223 -5.50 46.41 -3.93
C HIS B 223 -5.13 47.71 -3.25
N ASN B 224 -6.06 48.29 -2.50
CA ASN B 224 -5.80 49.61 -1.92
C ASN B 224 -4.73 49.57 -0.83
N ASP B 225 -4.49 48.39 -0.25
CA ASP B 225 -3.45 48.23 0.76
C ASP B 225 -2.10 47.81 0.14
N GLY B 226 -1.98 47.96 -1.17
CA GLY B 226 -0.70 47.75 -1.84
C GLY B 226 -0.39 46.34 -2.34
N SER B 227 -1.19 45.36 -1.94
CA SER B 227 -0.94 43.97 -2.33
C SER B 227 -1.44 43.66 -3.75
N TYR B 228 -0.84 42.63 -4.34
CA TYR B 228 -1.20 42.14 -5.68
C TYR B 228 -2.65 41.73 -5.79
N ASN B 229 -3.32 42.20 -6.84
CA ASN B 229 -4.74 41.95 -7.01
C ASN B 229 -4.94 40.74 -7.90
N ASN B 230 -4.98 39.56 -7.28
CA ASN B 230 -5.17 38.35 -8.06
C ASN B 230 -6.67 37.98 -8.25
N ARG B 231 -7.59 38.89 -7.94
CA ARG B 231 -9.00 38.69 -8.24
C ARG B 231 -9.16 38.85 -9.73
N ASP B 232 -8.50 39.86 -10.25
CA ASP B 232 -8.61 40.24 -11.65
C ASP B 232 -7.39 39.81 -12.49
N PHE B 233 -6.27 39.49 -11.84
CA PHE B 233 -5.03 39.30 -12.59
C PHE B 233 -4.37 37.95 -12.32
N PRO B 234 -3.54 37.49 -13.25
CA PRO B 234 -3.20 36.08 -13.21
C PRO B 234 -2.12 35.73 -12.22
N ASN B 235 -2.02 34.44 -11.88
CA ASN B 235 -0.84 33.88 -11.27
C ASN B 235 0.03 33.38 -12.40
N ALA B 236 1.23 33.91 -12.53
CA ALA B 236 2.01 33.67 -13.73
C ALA B 236 2.64 32.29 -13.82
N ILE B 237 1.83 31.25 -14.04
CA ILE B 237 2.37 29.88 -14.23
C ILE B 237 1.65 29.10 -15.36
N ASP B 238 1.99 27.83 -15.53
CA ASP B 238 1.38 26.94 -16.55
C ASP B 238 1.34 27.50 -17.99
N PRO B 239 2.51 27.89 -18.55
CA PRO B 239 2.53 28.45 -19.90
C PRO B 239 2.29 27.45 -21.03
N ASN B 240 1.48 27.85 -22.00
CA ASN B 240 1.22 27.08 -23.21
C ASN B 240 1.55 27.89 -24.47
N LEU B 241 2.33 27.28 -25.35
CA LEU B 241 2.74 27.92 -26.59
C LEU B 241 2.10 27.23 -27.81
N PHE B 242 1.38 28.01 -28.61
CA PHE B 242 0.78 27.46 -29.81
C PHE B 242 0.82 28.41 -31.01
N TYR B 243 0.95 27.83 -32.20
CA TYR B 243 0.82 28.58 -33.45
C TYR B 243 -0.64 28.65 -33.89
N ASP B 244 -1.08 29.80 -34.38
CA ASP B 244 -2.44 29.91 -34.88
C ASP B 244 -2.54 29.52 -36.35
N GLU B 245 -3.69 29.82 -36.93
CA GLU B 245 -4.02 29.45 -38.28
C GLU B 245 -3.06 30.05 -39.31
N LYS B 246 -2.64 31.28 -39.05
CA LYS B 246 -1.77 31.98 -39.99
C LYS B 246 -0.28 31.84 -39.65
N GLY B 247 0.04 31.07 -38.62
CA GLY B 247 1.43 30.85 -38.23
C GLY B 247 2.00 31.76 -37.14
N ASN B 248 1.23 32.76 -36.70
CA ASN B 248 1.59 33.58 -35.55
C ASN B 248 1.74 32.77 -34.27
N LEU B 249 2.62 33.22 -33.35
CA LEU B 249 2.88 32.44 -32.14
C LEU B 249 2.18 33.06 -30.95
N TRP B 250 1.65 32.21 -30.09
CA TRP B 250 0.90 32.68 -28.93
C TRP B 250 1.27 31.95 -27.64
N MET B 251 1.14 32.67 -26.54
CA MET B 251 1.34 32.05 -25.25
C MET B 251 0.14 32.29 -24.35
N ALA B 252 -0.53 31.20 -23.99
CA ALA B 252 -1.55 31.27 -22.95
C ALA B 252 -0.93 30.73 -21.66
N TYR B 253 -1.36 31.28 -20.52
CA TYR B 253 -0.79 30.91 -19.24
C TYR B 253 -1.79 31.24 -18.14
N GLY B 254 -1.54 30.76 -16.92
CA GLY B 254 -2.38 31.15 -15.78
C GLY B 254 -2.86 29.99 -14.92
N SER B 255 -3.47 30.32 -13.79
CA SER B 255 -3.87 29.32 -12.82
C SER B 255 -4.59 29.95 -11.65
N TRP B 256 -5.88 29.63 -11.53
CA TRP B 256 -6.76 30.25 -10.55
C TRP B 256 -6.59 31.74 -10.61
N SER B 257 -6.85 32.37 -9.46
CA SER B 257 -6.76 33.82 -9.34
C SER B 257 -7.62 34.53 -10.41
N GLY B 258 -7.00 35.37 -11.22
CA GLY B 258 -7.74 36.16 -12.17
C GLY B 258 -8.04 35.43 -13.46
N GLY B 259 -7.47 34.25 -13.64
CA GLY B 259 -7.80 33.44 -14.80
C GLY B 259 -6.69 33.28 -15.80
N ILE B 260 -7.06 32.79 -16.98
CA ILE B 260 -6.11 32.52 -18.06
C ILE B 260 -5.99 33.70 -19.03
N PHE B 261 -4.75 34.03 -19.41
CA PHE B 261 -4.47 35.12 -20.34
C PHE B 261 -3.65 34.62 -21.52
N VAL B 262 -3.75 35.33 -22.64
CA VAL B 262 -2.97 34.96 -23.81
C VAL B 262 -2.27 36.24 -24.27
N LEU B 263 -1.02 36.08 -24.72
CA LEU B 263 -0.21 37.17 -25.24
C LEU B 263 0.32 36.74 -26.58
N PRO B 264 0.45 37.68 -27.52
CA PRO B 264 1.13 37.35 -28.78
C PRO B 264 2.64 37.27 -28.56
N MET B 265 3.30 36.34 -29.24
CA MET B 265 4.73 36.16 -29.05
C MET B 265 5.56 36.48 -30.30
N ASP B 266 6.54 37.38 -30.14
CA ASP B 266 7.57 37.62 -31.15
C ASP B 266 8.26 36.29 -31.48
N LYS B 267 8.07 35.83 -32.71
CA LYS B 267 8.55 34.51 -33.12
C LYS B 267 10.08 34.39 -33.09
N THR B 268 10.77 35.52 -33.09
CA THR B 268 12.23 35.53 -33.27
C THR B 268 13.01 35.69 -31.96
N THR B 269 12.42 36.39 -31.00
CA THR B 269 13.06 36.63 -29.71
C THR B 269 12.46 35.76 -28.59
N GLY B 270 11.24 35.27 -28.81
CA GLY B 270 10.53 34.47 -27.83
C GLY B 270 9.89 35.37 -26.79
N LYS B 271 9.87 36.67 -27.07
CA LYS B 271 9.33 37.63 -26.11
C LYS B 271 7.88 37.98 -26.41
N PRO B 272 7.09 38.18 -25.36
CA PRO B 272 5.74 38.72 -25.56
C PRO B 272 5.78 40.03 -26.33
N ILE B 273 4.86 40.21 -27.27
CA ILE B 273 4.58 41.53 -27.80
C ILE B 273 3.44 42.14 -26.96
N TYR B 274 3.78 42.57 -25.74
CA TYR B 274 2.83 43.16 -24.81
C TYR B 274 1.94 44.22 -25.46
N PRO B 275 0.62 44.05 -25.34
CA PRO B 275 -0.43 44.98 -25.83
C PRO B 275 -0.07 46.44 -25.59
N GLY B 276 0.43 46.77 -24.40
CA GLY B 276 0.95 48.09 -24.13
C GLY B 276 -0.08 49.04 -23.54
N LYS B 277 -1.34 48.87 -23.94
CA LYS B 277 -2.40 49.73 -23.45
C LYS B 277 -3.45 48.82 -22.83
N ASP B 278 -4.26 49.34 -21.90
CA ASP B 278 -5.42 48.59 -21.41
C ASP B 278 -6.59 48.60 -22.39
N GLY B 279 -7.76 48.21 -21.88
CA GLY B 279 -8.95 48.19 -22.71
C GLY B 279 -9.67 46.87 -22.71
N LYS B 280 -10.58 46.69 -23.66
CA LYS B 280 -11.41 45.49 -23.75
C LYS B 280 -11.47 44.86 -25.13
N THR B 281 -11.75 43.57 -25.19
CA THR B 281 -12.03 42.91 -26.46
C THR B 281 -13.37 43.41 -26.98
N PRO B 282 -13.62 43.25 -28.28
CA PRO B 282 -14.91 43.61 -28.88
C PRO B 282 -16.12 43.09 -28.10
N ASP B 283 -15.98 41.90 -27.51
CA ASP B 283 -17.06 41.29 -26.73
C ASP B 283 -16.98 41.44 -25.20
N GLY B 284 -16.06 42.26 -24.68
CA GLY B 284 -16.16 42.70 -23.29
C GLY B 284 -15.17 42.16 -22.29
N ARG B 285 -14.28 41.30 -22.75
CA ARG B 285 -13.29 40.67 -21.89
C ARG B 285 -12.09 41.58 -21.59
N LEU B 286 -11.60 41.55 -20.36
CA LEU B 286 -10.49 42.41 -19.94
C LEU B 286 -9.20 42.18 -20.75
N VAL B 287 -8.61 43.29 -21.22
CA VAL B 287 -7.30 43.30 -21.88
C VAL B 287 -6.41 44.19 -21.04
N ASP B 288 -5.24 43.70 -20.70
CA ASP B 288 -4.33 44.43 -19.83
C ASP B 288 -3.02 44.68 -20.55
N ARG B 289 -2.41 45.84 -20.30
CA ARG B 289 -1.22 46.30 -21.03
C ARG B 289 -0.05 45.30 -21.00
N TYR B 290 0.09 44.62 -19.85
CA TYR B 290 1.24 43.78 -19.63
C TYR B 290 0.85 42.31 -19.75
N PHE B 291 -0.26 41.94 -19.11
CA PHE B 291 -0.65 40.54 -19.03
C PHE B 291 -1.27 39.97 -20.30
N GLY B 292 -2.05 40.77 -21.03
CA GLY B 292 -2.64 40.34 -22.27
C GLY B 292 -4.15 40.26 -22.25
N ILE B 293 -4.69 39.31 -23.01
CA ILE B 293 -6.13 39.14 -23.18
C ILE B 293 -6.65 38.00 -22.29
N LYS B 294 -7.65 38.28 -21.45
CA LYS B 294 -8.26 37.26 -20.61
C LYS B 294 -9.18 36.32 -21.42
N ILE B 295 -8.82 35.04 -21.51
CA ILE B 295 -9.62 34.15 -22.33
C ILE B 295 -10.41 33.11 -21.54
N ALA B 296 -10.17 33.03 -20.22
CA ALA B 296 -10.84 32.03 -19.38
C ALA B 296 -10.74 32.33 -17.91
N GLY B 297 -11.83 32.14 -17.18
CA GLY B 297 -11.79 32.08 -15.73
C GLY B 297 -12.15 33.35 -15.02
N GLY B 298 -11.61 33.51 -13.82
CA GLY B 298 -11.69 34.76 -13.09
C GLY B 298 -12.16 34.61 -11.66
N TYR B 299 -12.14 35.72 -10.94
CA TYR B 299 -12.64 35.82 -9.58
C TYR B 299 -12.24 34.64 -8.67
N TYR B 300 -10.93 34.39 -8.64
CA TYR B 300 -10.29 33.42 -7.75
C TYR B 300 -10.64 31.94 -8.03
N GLN B 301 -11.53 31.69 -8.97
CA GLN B 301 -12.01 30.32 -9.25
C GLN B 301 -11.00 29.46 -9.97
N SER B 302 -11.15 28.14 -9.81
CA SER B 302 -10.16 27.21 -10.34
C SER B 302 -10.11 27.26 -11.86
N GLY B 303 -9.07 26.63 -12.40
CA GLY B 303 -8.83 26.64 -13.83
C GLY B 303 -7.36 26.87 -14.08
N GLU B 304 -6.70 25.84 -14.61
CA GLU B 304 -5.29 25.91 -14.94
C GLU B 304 -4.94 24.83 -15.95
N GLY B 305 -3.69 24.78 -16.39
CA GLY B 305 -3.27 23.75 -17.31
C GLY B 305 -3.81 23.98 -18.71
N THR B 306 -3.99 25.25 -19.06
CA THR B 306 -4.43 25.70 -20.38
C THR B 306 -3.67 25.06 -21.52
N TYR B 307 -4.38 24.42 -22.45
CA TYR B 307 -3.75 23.98 -23.70
C TYR B 307 -4.66 24.33 -24.86
N ILE B 308 -4.12 24.98 -25.88
CA ILE B 308 -4.93 25.42 -27.02
C ILE B 308 -4.46 24.84 -28.36
N VAL B 309 -5.39 24.37 -29.17
CA VAL B 309 -5.06 23.77 -30.46
C VAL B 309 -5.94 24.32 -31.59
N TYR B 310 -5.32 24.66 -32.72
CA TYR B 310 -6.06 25.04 -33.92
C TYR B 310 -6.34 23.81 -34.80
N ASP B 311 -7.61 23.61 -35.17
CA ASP B 311 -7.93 22.53 -36.11
C ASP B 311 -8.18 23.12 -37.50
N LYS B 312 -7.31 22.77 -38.46
CA LYS B 312 -7.44 23.28 -39.83
C LYS B 312 -8.68 22.75 -40.61
N ASN B 313 -9.36 21.71 -40.09
CA ASN B 313 -10.51 21.20 -40.80
C ASN B 313 -11.81 21.78 -40.28
N THR B 314 -11.93 21.91 -38.97
CA THR B 314 -13.13 22.54 -38.45
C THR B 314 -12.93 24.05 -38.27
N ASP B 315 -11.69 24.53 -38.42
CA ASP B 315 -11.37 25.96 -38.33
C ASP B 315 -11.81 26.50 -36.98
N TYR B 316 -11.45 25.73 -35.96
CA TYR B 316 -11.76 26.04 -34.56
C TYR B 316 -10.48 26.04 -33.74
N TYR B 317 -10.42 26.90 -32.72
CA TYR B 317 -9.38 26.81 -31.72
C TYR B 317 -9.96 26.14 -30.47
N TYR B 318 -9.46 24.95 -30.17
CA TYR B 318 -9.92 24.22 -28.99
C TYR B 318 -9.07 24.57 -27.76
N LEU B 319 -9.72 25.14 -26.75
CA LEU B 319 -9.09 25.44 -25.48
C LEU B 319 -9.44 24.36 -24.48
N TYR B 320 -8.44 23.65 -23.96
CA TYR B 320 -8.66 22.74 -22.84
C TYR B 320 -8.09 23.40 -21.60
N VAL B 321 -8.77 23.22 -20.48
CA VAL B 321 -8.34 23.74 -19.18
C VAL B 321 -8.74 22.67 -18.12
N THR B 322 -8.05 22.60 -16.98
CA THR B 322 -8.48 21.70 -15.89
C THR B 322 -9.07 22.47 -14.70
N TYR B 323 -10.25 22.07 -14.24
CA TYR B 323 -10.82 22.64 -13.03
C TYR B 323 -10.36 21.90 -11.78
N GLY B 324 -10.49 22.58 -10.63
CA GLY B 324 -10.38 21.93 -9.35
C GLY B 324 -8.96 21.75 -8.85
N TRP B 325 -8.84 21.14 -7.67
CA TRP B 325 -7.55 20.87 -7.06
C TRP B 325 -6.99 19.51 -7.48
N LEU B 326 -5.68 19.48 -7.72
CA LEU B 326 -4.99 18.39 -8.40
C LEU B 326 -4.90 17.09 -7.61
N GLY B 327 -4.77 17.19 -6.28
CA GLY B 327 -4.68 16.01 -5.43
C GLY B 327 -5.93 15.14 -5.33
N ALA B 328 -5.78 13.99 -4.68
CA ALA B 328 -6.80 12.93 -4.73
C ALA B 328 -8.18 13.34 -4.19
N ASP B 329 -8.21 14.30 -3.28
CA ASP B 329 -9.44 14.77 -2.67
CA ASP B 329 -9.49 14.71 -2.73
C ASP B 329 -9.97 16.07 -3.29
N GLY B 330 -9.36 16.50 -4.39
CA GLY B 330 -9.60 17.83 -4.93
C GLY B 330 -10.55 17.98 -6.11
N GLY B 331 -10.86 16.89 -6.78
CA GLY B 331 -11.84 16.91 -7.84
C GLY B 331 -11.35 17.46 -9.17
N TYR B 332 -10.06 17.32 -9.42
CA TYR B 332 -9.45 17.74 -10.68
C TYR B 332 -10.27 17.17 -11.87
N ASN B 333 -10.69 18.04 -12.81
CA ASN B 333 -11.46 17.57 -13.98
C ASN B 333 -11.30 18.44 -15.24
N MET B 334 -11.12 17.81 -16.39
CA MET B 334 -10.79 18.55 -17.60
C MET B 334 -11.99 19.15 -18.34
N ARG B 335 -11.87 20.42 -18.75
CA ARG B 335 -12.91 21.16 -19.45
C ARG B 335 -12.49 21.51 -20.88
N GLN B 336 -13.47 21.69 -21.76
CA GLN B 336 -13.24 21.90 -23.19
C GLN B 336 -14.07 23.08 -23.70
N PHE B 337 -13.42 23.97 -24.47
CA PHE B 337 -14.11 25.07 -25.13
C PHE B 337 -13.62 25.20 -26.57
N ARG B 338 -14.19 26.14 -27.31
CA ARG B 338 -13.67 26.46 -28.64
C ARG B 338 -13.99 27.89 -29.03
N SER B 339 -13.29 28.36 -30.05
CA SER B 339 -13.47 29.70 -30.60
C SER B 339 -12.99 29.72 -32.05
N THR B 340 -13.40 30.75 -32.78
CA THR B 340 -13.00 30.87 -34.19
C THR B 340 -11.79 31.78 -34.28
N SER B 341 -11.48 32.43 -33.17
CA SER B 341 -10.31 33.27 -33.03
C SER B 341 -9.41 32.76 -31.87
N PRO B 342 -8.08 32.87 -32.02
CA PRO B 342 -7.13 32.39 -31.01
C PRO B 342 -7.25 33.13 -29.70
N THR B 343 -7.58 34.40 -29.76
CA THR B 343 -7.77 35.20 -28.56
C THR B 343 -9.20 35.23 -28.09
N GLY B 344 -10.01 34.25 -28.48
CA GLY B 344 -11.39 34.15 -28.05
C GLY B 344 -12.43 34.93 -28.87
N PRO B 345 -13.71 34.87 -28.45
CA PRO B 345 -14.19 34.26 -27.20
C PRO B 345 -14.34 32.76 -27.27
N TYR B 346 -13.85 32.07 -26.25
CA TYR B 346 -14.01 30.64 -26.14
C TYR B 346 -15.33 30.33 -25.43
N VAL B 347 -16.10 29.42 -26.03
CA VAL B 347 -17.42 29.08 -25.52
C VAL B 347 -17.57 27.57 -25.48
N ASP B 348 -18.46 27.07 -24.63
CA ASP B 348 -18.68 25.64 -24.59
C ASP B 348 -19.83 25.19 -25.51
N ALA B 349 -20.15 23.90 -25.42
CA ALA B 349 -21.24 23.33 -26.19
C ALA B 349 -22.57 24.04 -25.94
N LYS B 350 -22.69 24.68 -24.77
CA LYS B 350 -23.90 25.40 -24.43
C LYS B 350 -23.86 26.86 -24.90
N GLY B 351 -22.73 27.26 -25.50
CA GLY B 351 -22.52 28.65 -25.87
C GLY B 351 -22.08 29.55 -24.72
N GLN B 352 -21.88 28.99 -23.52
CA GLN B 352 -21.40 29.79 -22.40
C GLN B 352 -19.91 30.10 -22.54
N SER B 353 -19.51 31.29 -22.11
CA SER B 353 -18.13 31.72 -22.23
C SER B 353 -17.23 31.21 -21.10
N ALA B 354 -15.98 30.89 -21.44
CA ALA B 354 -14.98 30.47 -20.46
C ALA B 354 -14.71 31.51 -19.40
N VAL B 355 -14.88 32.79 -19.74
CA VAL B 355 -14.61 33.87 -18.80
C VAL B 355 -15.83 34.16 -17.88
N LEU B 356 -15.67 33.85 -16.59
CA LEU B 356 -16.79 33.91 -15.64
C LEU B 356 -17.37 35.32 -15.44
N PRO B 357 -18.69 35.43 -15.25
CA PRO B 357 -19.35 36.73 -15.04
C PRO B 357 -18.98 37.37 -13.72
N GLY B 358 -18.42 36.58 -12.81
CA GLY B 358 -18.09 37.07 -11.50
C GLY B 358 -17.65 35.92 -10.63
N GLU B 359 -17.76 36.10 -9.32
CA GLU B 359 -17.44 35.03 -8.39
C GLU B 359 -18.60 34.02 -8.30
N VAL B 360 -18.54 33.02 -9.17
CA VAL B 360 -19.63 32.05 -9.23
C VAL B 360 -19.12 30.63 -9.38
N ASP B 361 -20.00 29.68 -9.09
CA ASP B 361 -19.73 28.26 -9.28
C ASP B 361 -19.30 28.05 -10.74
N ASN B 362 -18.06 27.64 -10.97
CA ASN B 362 -17.52 27.53 -12.32
C ASN B 362 -17.89 26.22 -12.99
N SER B 363 -18.68 25.43 -12.28
CA SER B 363 -19.12 24.10 -12.70
C SER B 363 -19.97 24.02 -13.99
N PRO B 364 -20.82 25.03 -14.25
CA PRO B 364 -21.60 24.96 -15.50
C PRO B 364 -20.82 25.27 -16.77
N TYR B 365 -19.60 25.79 -16.67
CA TYR B 365 -18.92 26.30 -17.87
C TYR B 365 -17.83 25.39 -18.42
N GLY B 366 -17.97 24.98 -19.68
CA GLY B 366 -17.00 24.12 -20.32
C GLY B 366 -17.45 22.67 -20.33
N ASN B 367 -17.14 21.95 -21.39
CA ASN B 367 -17.57 20.57 -21.46
C ASN B 367 -16.76 19.75 -20.48
N LYS B 368 -17.43 19.11 -19.51
CA LYS B 368 -16.70 18.24 -18.58
C LYS B 368 -16.38 16.96 -19.33
N ILE B 369 -15.17 16.87 -19.88
CA ILE B 369 -14.80 15.72 -20.68
C ILE B 369 -14.20 14.59 -19.85
N MET B 370 -13.74 14.87 -18.63
CA MET B 370 -13.29 13.80 -17.74
C MET B 370 -13.26 14.21 -16.27
N GLY B 371 -14.02 13.50 -15.45
CA GLY B 371 -13.92 13.67 -14.01
C GLY B 371 -13.47 12.37 -13.40
N ASN B 372 -13.68 12.21 -12.10
CA ASN B 372 -13.42 10.93 -11.43
C ASN B 372 -14.37 9.84 -11.89
N PHE B 373 -13.84 8.70 -12.32
CA PHE B 373 -14.69 7.59 -12.71
C PHE B 373 -14.10 6.24 -12.34
N LEU B 374 -14.96 5.23 -12.28
CA LEU B 374 -14.47 3.86 -12.18
C LEU B 374 -15.39 2.89 -12.89
N PHE B 375 -14.85 2.18 -13.87
CA PHE B 375 -15.53 1.02 -14.43
C PHE B 375 -15.31 -0.16 -13.50
N GLU B 376 -16.10 -0.18 -12.44
CA GLU B 376 -15.95 -1.10 -11.31
C GLU B 376 -16.11 -2.55 -11.72
N ARG B 377 -15.21 -3.39 -11.23
CA ARG B 377 -15.34 -4.83 -11.41
C ARG B 377 -16.24 -5.41 -10.30
N LYS B 378 -17.54 -5.45 -10.53
CA LYS B 378 -18.50 -6.01 -9.57
C LYS B 378 -18.40 -7.52 -9.58
N VAL B 379 -18.92 -8.19 -8.55
CA VAL B 379 -18.76 -9.64 -8.49
C VAL B 379 -19.38 -10.33 -9.69
N GLY B 380 -18.57 -11.11 -10.40
CA GLY B 380 -19.07 -11.84 -11.55
C GLY B 380 -18.32 -11.40 -12.79
N ASP B 381 -17.87 -10.15 -12.78
CA ASP B 381 -17.16 -9.61 -13.93
C ASP B 381 -15.85 -10.32 -14.13
N PRO B 382 -15.47 -10.53 -15.39
CA PRO B 382 -14.17 -11.15 -15.69
C PRO B 382 -13.01 -10.26 -15.23
N GLY B 383 -11.85 -10.85 -14.99
CA GLY B 383 -10.69 -10.12 -14.50
C GLY B 383 -10.52 -10.09 -13.00
N THR B 384 -9.44 -9.46 -12.56
CA THR B 384 -9.14 -9.32 -11.13
C THR B 384 -9.02 -7.86 -10.78
N GLY B 385 -9.29 -7.50 -9.54
CA GLY B 385 -9.09 -6.13 -9.13
C GLY B 385 -10.37 -5.32 -9.03
N ILE B 386 -10.24 -4.02 -8.80
CA ILE B 386 -11.40 -3.20 -8.53
C ILE B 386 -11.96 -2.64 -9.82
N GLY B 387 -11.16 -2.71 -10.88
CA GLY B 387 -11.55 -2.17 -12.16
C GLY B 387 -10.66 -1.01 -12.54
N VAL B 388 -10.84 -0.51 -13.75
CA VAL B 388 -10.03 0.59 -14.23
C VAL B 388 -10.74 1.91 -13.96
N GLY B 389 -10.04 2.85 -13.31
CA GLY B 389 -10.62 4.14 -12.95
C GLY B 389 -9.57 5.21 -12.66
N TYR B 390 -9.99 6.48 -12.74
CA TYR B 390 -9.11 7.62 -12.47
C TYR B 390 -9.67 8.49 -11.35
N VAL B 391 -8.75 9.03 -10.55
CA VAL B 391 -9.06 10.06 -9.59
C VAL B 391 -8.26 11.30 -9.94
N SER B 392 -8.95 12.43 -10.00
CA SER B 392 -8.32 13.72 -10.32
C SER B 392 -7.47 13.73 -11.61
N PRO B 393 -8.03 13.27 -12.73
CA PRO B 393 -7.21 13.31 -13.96
C PRO B 393 -7.20 14.71 -14.53
N GLY B 394 -6.07 15.16 -15.05
CA GLY B 394 -6.04 16.50 -15.61
C GLY B 394 -4.70 17.07 -15.97
N HIS B 395 -4.67 18.39 -16.08
CA HIS B 395 -3.56 19.14 -16.65
C HIS B 395 -3.07 18.50 -17.93
N ASN B 396 -3.86 18.65 -18.98
CA ASN B 396 -3.56 17.95 -20.21
C ASN B 396 -2.88 18.80 -21.24
N SER B 397 -2.31 18.12 -22.21
CA SER B 397 -1.90 18.69 -23.49
C SER B 397 -2.59 17.89 -24.62
N VAL B 398 -2.45 18.31 -25.86
CA VAL B 398 -3.11 17.66 -26.98
C VAL B 398 -2.14 17.45 -28.14
N TYR B 399 -2.07 16.25 -28.70
CA TYR B 399 -1.31 16.09 -29.93
C TYR B 399 -2.21 15.73 -31.13
N LEU B 400 -2.28 16.67 -32.08
CA LEU B 400 -3.01 16.49 -33.32
C LEU B 400 -2.05 16.06 -34.41
N ASP B 401 -2.21 14.83 -34.88
CA ASP B 401 -1.31 14.19 -35.85
C ASP B 401 -1.61 14.60 -37.30
N ARG B 402 -0.68 15.33 -37.93
CA ARG B 402 -0.90 15.91 -39.26
C ARG B 402 -1.18 14.86 -40.35
N LYS B 403 -0.49 13.72 -40.27
CA LYS B 403 -0.59 12.70 -41.31
C LYS B 403 -1.94 11.93 -41.34
N THR B 404 -2.68 11.95 -40.24
CA THR B 404 -3.88 11.11 -40.11
C THR B 404 -5.12 11.81 -39.53
N GLY B 405 -4.92 12.98 -38.93
CA GLY B 405 -6.01 13.72 -38.33
C GLY B 405 -6.44 13.18 -36.98
N GLN B 406 -5.76 12.13 -36.52
CA GLN B 406 -6.00 11.58 -35.19
C GLN B 406 -5.56 12.58 -34.11
N GLN B 407 -6.25 12.58 -32.99
CA GLN B 407 -6.03 13.58 -31.95
C GLN B 407 -5.84 12.86 -30.60
N PHE B 408 -4.91 13.29 -29.76
CA PHE B 408 -4.67 12.55 -28.51
C PHE B 408 -4.66 13.44 -27.25
N LEU B 409 -5.38 13.01 -26.23
CA LEU B 409 -5.41 13.72 -24.96
C LEU B 409 -4.34 13.13 -24.01
N VAL B 410 -3.35 13.94 -23.65
CA VAL B 410 -2.22 13.50 -22.83
C VAL B 410 -2.28 14.18 -21.49
N PHE B 411 -2.30 13.42 -20.39
CA PHE B 411 -2.51 14.04 -19.09
C PHE B 411 -1.99 13.16 -17.96
N HIS B 412 -2.00 13.65 -16.73
CA HIS B 412 -1.62 12.81 -15.60
C HIS B 412 -2.88 12.45 -14.84
N THR B 413 -2.83 11.39 -14.04
CA THR B 413 -3.96 11.08 -13.18
C THR B 413 -3.55 10.29 -11.96
N ARG B 414 -4.36 10.42 -10.91
CA ARG B 414 -4.25 9.56 -9.75
C ARG B 414 -5.24 8.40 -9.91
N PHE B 415 -5.22 7.47 -8.96
CA PHE B 415 -6.02 6.25 -9.10
C PHE B 415 -6.75 5.96 -7.82
N PRO B 416 -7.90 5.25 -7.92
CA PRO B 416 -8.68 4.87 -6.74
C PRO B 416 -7.84 4.00 -5.80
N GLN B 417 -7.86 4.30 -4.50
CA GLN B 417 -7.10 3.53 -3.49
C GLN B 417 -5.58 3.49 -3.73
N SER B 418 -5.02 4.56 -4.30
CA SER B 418 -3.60 4.62 -4.61
C SER B 418 -3.02 5.90 -4.05
N GLY B 419 -3.83 6.62 -3.29
CA GLY B 419 -3.42 7.91 -2.77
C GLY B 419 -2.96 8.89 -3.85
N GLU B 420 -1.93 9.65 -3.51
CA GLU B 420 -1.46 10.73 -4.35
C GLU B 420 -0.53 10.25 -5.45
N TYR B 421 -0.38 8.93 -5.57
CA TYR B 421 0.41 8.37 -6.67
C TYR B 421 -0.27 8.69 -7.99
N HIS B 422 0.53 9.06 -9.00
CA HIS B 422 0.01 9.46 -10.29
C HIS B 422 0.84 8.91 -11.45
N GLU B 423 0.21 8.70 -12.61
CA GLU B 423 0.91 8.28 -13.83
C GLU B 423 0.38 9.06 -15.03
N VAL B 424 1.03 8.86 -16.16
CA VAL B 424 0.62 9.49 -17.40
C VAL B 424 -0.35 8.60 -18.16
N ARG B 425 -1.43 9.19 -18.64
CA ARG B 425 -2.43 8.49 -19.47
C ARG B 425 -2.66 9.21 -20.81
N VAL B 426 -2.92 8.41 -21.84
CA VAL B 426 -3.23 8.93 -23.17
C VAL B 426 -4.57 8.44 -23.68
N HIS B 427 -5.53 9.33 -23.87
CA HIS B 427 -6.79 8.91 -24.49
C HIS B 427 -6.97 9.55 -25.88
N GLN B 428 -7.36 8.75 -26.86
CA GLN B 428 -7.63 9.31 -28.20
C GLN B 428 -8.93 10.15 -28.19
N MET B 429 -8.98 11.15 -29.06
CA MET B 429 -10.19 11.94 -29.27
C MET B 429 -10.66 11.78 -30.71
N PHE B 430 -11.99 11.86 -30.89
CA PHE B 430 -12.66 11.70 -32.19
C PHE B 430 -13.61 12.86 -32.43
N MET B 431 -13.66 13.36 -33.68
CA MET B 431 -14.44 14.56 -33.93
C MET B 431 -15.91 14.17 -34.10
N ASN B 432 -16.76 14.72 -33.23
CA ASN B 432 -18.19 14.36 -33.26
C ASN B 432 -18.95 15.20 -34.33
N LYS B 433 -20.13 14.74 -34.73
CA LYS B 433 -20.87 15.39 -35.84
C LYS B 433 -21.10 16.89 -35.66
N ASN B 434 -20.84 17.43 -34.46
CA ASN B 434 -21.09 18.85 -34.22
C ASN B 434 -19.82 19.68 -34.10
N GLY B 435 -18.69 19.08 -34.44
CA GLY B 435 -17.42 19.79 -34.40
C GLY B 435 -16.71 19.81 -33.04
N TRP B 436 -17.06 18.88 -32.17
CA TRP B 436 -16.38 18.74 -30.87
C TRP B 436 -15.67 17.41 -30.77
N PRO B 437 -14.37 17.43 -30.44
CA PRO B 437 -13.69 16.15 -30.17
C PRO B 437 -14.24 15.53 -28.88
N VAL B 438 -14.48 14.23 -28.95
CA VAL B 438 -15.01 13.50 -27.80
C VAL B 438 -13.96 12.48 -27.37
N VAL B 439 -13.79 12.36 -26.07
CA VAL B 439 -12.70 11.58 -25.49
C VAL B 439 -13.07 10.10 -25.37
N ALA B 440 -12.20 9.23 -25.86
CA ALA B 440 -12.41 7.78 -25.75
C ALA B 440 -12.35 7.32 -24.30
N PRO B 441 -13.18 6.34 -23.94
CA PRO B 441 -13.32 6.02 -22.51
C PRO B 441 -12.15 5.20 -21.94
N TYR B 442 -11.32 4.60 -22.80
CA TYR B 442 -10.16 3.83 -22.35
C TYR B 442 -8.89 4.44 -22.91
N ARG B 443 -7.75 4.12 -22.28
CA ARG B 443 -6.46 4.64 -22.72
C ARG B 443 -6.13 4.12 -24.13
N TYR B 444 -5.41 4.92 -24.89
CA TYR B 444 -5.09 4.60 -26.28
C TYR B 444 -4.29 3.32 -26.38
N ALA B 445 -4.83 2.35 -27.09
CA ALA B 445 -4.15 1.08 -27.30
C ALA B 445 -4.08 0.72 -28.78
N GLY B 446 -4.09 1.72 -29.66
CA GLY B 446 -3.87 1.48 -31.08
C GLY B 446 -5.09 1.49 -32.01
N GLU B 447 -6.27 1.73 -31.46
CA GLU B 447 -7.50 1.70 -32.25
C GLU B 447 -7.63 2.88 -33.21
N LYS B 448 -8.37 2.67 -34.30
CA LYS B 448 -8.82 3.79 -35.12
C LYS B 448 -10.32 3.68 -35.38
N LEU B 449 -10.88 4.74 -35.95
CA LEU B 449 -12.23 4.68 -36.48
C LEU B 449 -12.33 3.59 -37.55
N GLU B 450 -13.35 2.75 -37.44
CA GLU B 450 -13.60 1.73 -38.45
C GLU B 450 -15.04 1.81 -38.86
N LYS B 451 -15.44 1.01 -39.84
CA LYS B 451 -16.85 0.86 -40.11
C LYS B 451 -17.42 -0.10 -39.07
N VAL B 452 -18.43 0.36 -38.33
CA VAL B 452 -19.04 -0.44 -37.29
C VAL B 452 -20.38 -1.03 -37.74
N ASN B 453 -20.55 -2.35 -37.57
CA ASN B 453 -21.83 -3.03 -37.85
C ASN B 453 -22.85 -2.90 -36.73
N LYS B 454 -24.14 -2.94 -37.06
CA LYS B 454 -25.15 -2.83 -36.03
C LYS B 454 -25.06 -4.01 -35.04
N GLN B 455 -24.78 -5.21 -35.54
CA GLN B 455 -24.81 -6.40 -34.69
C GLN B 455 -23.76 -6.33 -33.60
N ASP B 456 -22.67 -5.62 -33.90
CA ASP B 456 -21.59 -5.47 -32.92
C ASP B 456 -21.90 -4.39 -31.90
N VAL B 457 -22.82 -3.50 -32.23
CA VAL B 457 -23.19 -2.40 -31.33
C VAL B 457 -24.25 -2.85 -30.32
N VAL B 458 -25.14 -3.73 -30.76
CA VAL B 458 -26.26 -4.20 -29.95
C VAL B 458 -25.78 -5.06 -28.81
N GLY B 459 -26.31 -4.77 -27.62
CA GLY B 459 -25.90 -5.46 -26.41
C GLY B 459 -26.12 -4.64 -25.14
N GLU B 460 -25.56 -5.10 -24.03
CA GLU B 460 -25.66 -4.36 -22.81
C GLU B 460 -24.35 -3.63 -22.55
N TYR B 461 -24.45 -2.44 -21.96
CA TYR B 461 -23.32 -1.52 -21.82
C TYR B 461 -23.19 -1.04 -20.40
N GLN B 462 -21.97 -0.98 -19.88
CA GLN B 462 -21.77 -0.20 -18.67
C GLN B 462 -21.56 1.24 -19.12
N LEU B 463 -22.27 2.17 -18.49
CA LEU B 463 -22.30 3.55 -18.95
C LEU B 463 -21.93 4.53 -17.85
N ILE B 464 -21.05 5.49 -18.18
CA ILE B 464 -20.61 6.51 -17.24
C ILE B 464 -20.96 7.92 -17.71
N ASN B 465 -21.57 8.69 -16.81
CA ASN B 465 -21.97 10.07 -17.08
C ASN B 465 -21.15 11.02 -16.20
N HIS B 466 -20.26 11.78 -16.81
CA HIS B 466 -19.36 12.62 -16.03
C HIS B 466 -20.07 13.83 -15.48
N GLY B 467 -21.27 14.10 -15.99
CA GLY B 467 -22.08 15.20 -15.49
C GLY B 467 -21.39 16.55 -15.59
N LYS B 468 -21.68 17.42 -14.63
CA LYS B 468 -21.19 18.79 -14.66
C LYS B 468 -20.54 19.14 -13.33
N ASP B 469 -21.23 18.90 -12.23
CA ASP B 469 -20.61 19.02 -10.88
C ASP B 469 -19.33 18.22 -10.76
N TYR B 470 -18.43 18.66 -9.88
CA TYR B 470 -17.23 17.87 -9.62
C TYR B 470 -16.87 17.92 -8.15
N SER B 471 -16.32 16.83 -7.66
CA SER B 471 -15.83 16.74 -6.29
C SER B 471 -14.88 15.56 -6.21
N ALA B 472 -14.65 15.08 -4.99
CA ALA B 472 -13.78 13.93 -4.80
C ALA B 472 -14.49 12.62 -5.15
N ASP B 473 -15.83 12.67 -5.21
CA ASP B 473 -16.64 11.50 -5.54
C ASP B 473 -16.21 10.80 -6.81
N ILE B 474 -16.09 9.47 -6.74
CA ILE B 474 -15.78 8.65 -7.92
C ILE B 474 -17.07 8.11 -8.58
N LYS B 475 -17.34 8.54 -9.82
CA LYS B 475 -18.54 8.16 -10.54
C LYS B 475 -18.44 6.72 -11.08
N LYS B 476 -19.39 5.88 -10.67
CA LYS B 476 -19.40 4.49 -11.11
C LYS B 476 -20.45 4.22 -12.22
N GLN B 477 -20.28 3.12 -12.95
CA GLN B 477 -21.17 2.81 -14.08
C GLN B 477 -22.61 2.51 -13.65
N ILE B 478 -23.55 2.77 -14.57
CA ILE B 478 -24.90 2.19 -14.54
C ILE B 478 -25.03 1.20 -15.69
N PHE B 479 -26.17 0.52 -15.77
CA PHE B 479 -26.31 -0.50 -16.80
C PHE B 479 -27.46 -0.20 -17.74
N VAL B 480 -27.13 0.00 -19.00
CA VAL B 480 -28.14 0.27 -20.02
C VAL B 480 -28.00 -0.72 -21.15
N ARG B 481 -29.07 -0.89 -21.90
CA ARG B 481 -29.05 -1.78 -23.03
C ARG B 481 -29.30 -1.00 -24.32
N LEU B 482 -28.49 -1.25 -25.35
CA LEU B 482 -28.82 -0.74 -26.68
C LEU B 482 -29.48 -1.88 -27.47
N ASN B 483 -30.81 -1.86 -27.50
CA ASN B 483 -31.57 -2.99 -28.03
C ASN B 483 -31.59 -3.03 -29.57
N ARG B 484 -31.92 -4.18 -30.16
CA ARG B 484 -31.90 -4.24 -31.62
C ARG B 484 -32.98 -3.37 -32.27
N ASN B 485 -33.95 -2.93 -31.48
CA ASN B 485 -35.05 -2.12 -31.98
C ASN B 485 -34.78 -0.62 -31.81
N ASN B 486 -33.52 -0.29 -31.58
CA ASN B 486 -33.06 1.09 -31.44
C ASN B 486 -33.72 1.84 -30.28
N THR B 487 -33.98 1.12 -29.20
CA THR B 487 -34.32 1.72 -27.91
C THR B 487 -33.22 1.50 -26.89
N ILE B 488 -33.23 2.33 -25.86
CA ILE B 488 -32.32 2.15 -24.72
C ILE B 488 -33.15 1.80 -23.48
N SER B 489 -32.89 0.61 -22.95
CA SER B 489 -33.58 0.14 -21.75
C SER B 489 -32.56 -0.08 -20.62
N GLY B 490 -33.06 -0.33 -19.41
CA GLY B 490 -32.18 -0.62 -18.27
C GLY B 490 -32.20 0.46 -17.20
N ASP B 491 -31.04 0.95 -16.80
CA ASP B 491 -31.00 1.94 -15.74
C ASP B 491 -31.37 3.34 -16.24
N ALA B 492 -31.55 3.44 -17.54
CA ALA B 492 -32.06 4.65 -18.17
C ALA B 492 -32.84 4.28 -19.43
N THR B 493 -33.69 5.19 -19.89
CA THR B 493 -34.52 4.96 -21.07
C THR B 493 -34.22 5.94 -22.19
N GLY B 494 -34.43 5.51 -23.44
CA GLY B 494 -34.27 6.40 -24.58
C GLY B 494 -34.17 5.69 -25.91
N THR B 495 -33.43 6.29 -26.85
CA THR B 495 -33.30 5.72 -28.20
C THR B 495 -31.89 5.92 -28.70
N TRP B 496 -31.52 5.23 -29.77
CA TRP B 496 -30.20 5.38 -30.36
C TRP B 496 -30.16 5.17 -31.86
N ARG B 497 -29.18 5.77 -32.53
CA ARG B 497 -28.99 5.53 -33.96
C ARG B 497 -27.52 5.34 -34.24
N LYS B 498 -27.21 4.54 -35.25
CA LYS B 498 -25.89 4.57 -35.84
C LYS B 498 -26.00 5.25 -37.19
N ILE B 499 -25.22 6.32 -37.39
CA ILE B 499 -25.24 7.05 -38.65
C ILE B 499 -23.94 6.92 -39.43
N GLY B 500 -24.01 6.36 -40.64
CA GLY B 500 -22.79 6.15 -41.39
C GLY B 500 -21.93 5.04 -40.81
N HIS B 501 -20.62 5.19 -40.96
CA HIS B 501 -19.68 4.17 -40.50
C HIS B 501 -19.57 4.05 -38.99
N ASN B 502 -19.57 5.17 -38.25
CA ASN B 502 -19.39 5.07 -36.81
C ASN B 502 -20.03 6.16 -35.96
N GLN B 503 -20.86 6.99 -36.56
CA GLN B 503 -21.41 8.09 -35.80
C GLN B 503 -22.48 7.60 -34.83
N ALA B 504 -22.38 8.00 -33.57
CA ALA B 504 -23.32 7.52 -32.58
C ALA B 504 -24.26 8.61 -32.11
N GLU B 505 -25.55 8.32 -32.10
CA GLU B 505 -26.49 9.24 -31.51
C GLU B 505 -27.26 8.52 -30.44
N ILE B 506 -27.01 8.91 -29.19
CA ILE B 506 -27.59 8.29 -28.01
C ILE B 506 -28.52 9.27 -27.31
N THR B 507 -29.81 8.97 -27.25
CA THR B 507 -30.72 9.80 -26.48
C THR B 507 -31.09 9.08 -25.19
N ILE B 508 -30.91 9.76 -24.07
CA ILE B 508 -31.17 9.18 -22.75
C ILE B 508 -31.85 10.19 -21.83
N ASP B 509 -32.98 9.79 -21.26
CA ASP B 509 -33.72 10.64 -20.33
C ASP B 509 -33.91 12.06 -20.84
N GLY B 510 -34.22 12.20 -22.12
CA GLY B 510 -34.51 13.50 -22.71
C GLY B 510 -33.34 14.26 -23.34
N GLU B 511 -32.12 13.75 -23.15
CA GLU B 511 -30.96 14.46 -23.66
C GLU B 511 -30.31 13.70 -24.81
N THR B 512 -29.73 14.42 -25.77
CA THR B 512 -29.14 13.74 -26.91
C THR B 512 -27.63 13.96 -26.92
N TYR B 513 -26.90 12.85 -26.99
CA TYR B 513 -25.45 12.80 -26.91
C TYR B 513 -24.85 12.38 -28.25
N ASP B 514 -23.92 13.18 -28.79
CA ASP B 514 -23.39 12.89 -30.11
C ASP B 514 -21.92 12.54 -30.06
N GLY B 515 -21.58 11.43 -30.69
CA GLY B 515 -20.19 11.00 -30.73
C GLY B 515 -19.96 9.85 -31.67
N VAL B 516 -19.12 8.91 -31.25
CA VAL B 516 -18.77 7.80 -32.11
C VAL B 516 -18.82 6.45 -31.41
N PHE B 517 -19.05 5.41 -32.20
CA PHE B 517 -18.79 4.03 -31.81
C PHE B 517 -17.36 3.68 -32.22
N VAL B 518 -16.60 3.09 -31.31
CA VAL B 518 -15.21 2.77 -31.60
C VAL B 518 -14.74 1.61 -30.73
N ARG B 519 -13.90 0.75 -31.28
CA ARG B 519 -13.36 -0.33 -30.45
C ARG B 519 -12.31 0.19 -29.46
N GLN B 520 -12.32 -0.36 -28.25
CA GLN B 520 -11.40 0.05 -27.19
C GLN B 520 -10.79 -1.17 -26.54
N TRP B 521 -9.61 -0.98 -25.93
CA TRP B 521 -9.02 -2.04 -25.11
C TRP B 521 -9.47 -1.92 -23.67
N ASP B 522 -10.08 -2.99 -23.18
CA ASP B 522 -10.54 -3.05 -21.79
C ASP B 522 -9.56 -3.90 -20.98
N PRO B 523 -8.76 -3.25 -20.11
CA PRO B 523 -7.74 -3.92 -19.28
C PRO B 523 -8.32 -4.97 -18.32
N THR B 524 -9.42 -4.64 -17.65
CA THR B 524 -10.11 -5.54 -16.71
C THR B 524 -10.43 -6.92 -17.32
N SER B 525 -11.09 -6.96 -18.49
CA SER B 525 -11.48 -8.24 -19.07
C SER B 525 -10.58 -8.69 -20.21
N LYS B 526 -9.54 -7.91 -20.47
CA LYS B 526 -8.48 -8.25 -21.42
C LYS B 526 -8.97 -8.64 -22.80
N ARG B 527 -10.04 -7.98 -23.22
CA ARG B 527 -10.60 -8.15 -24.56
C ARG B 527 -10.69 -6.78 -25.22
N TYR B 528 -10.64 -6.74 -26.54
CA TYR B 528 -11.09 -5.55 -27.25
C TYR B 528 -12.63 -5.52 -27.32
N VAL B 529 -13.23 -4.38 -26.98
CA VAL B 529 -14.69 -4.29 -26.81
C VAL B 529 -15.31 -3.09 -27.54
N MET B 530 -16.56 -3.20 -27.98
CA MET B 530 -17.23 -2.06 -28.59
C MET B 530 -17.51 -1.01 -27.52
N ALA B 531 -17.47 0.25 -27.91
CA ALA B 531 -17.63 1.35 -26.97
C ALA B 531 -18.11 2.61 -27.69
N PHE B 532 -18.69 3.54 -26.93
CA PHE B 532 -19.01 4.84 -27.47
C PHE B 532 -18.61 5.97 -26.53
N THR B 533 -18.37 7.14 -27.10
CA THR B 533 -18.35 8.39 -26.32
C THR B 533 -19.15 9.46 -27.07
N ALA B 534 -19.93 10.24 -26.32
CA ALA B 534 -20.80 11.20 -26.94
C ALA B 534 -21.03 12.38 -26.01
N LEU B 535 -21.23 13.56 -26.62
CA LEU B 535 -21.37 14.79 -25.86
C LEU B 535 -22.70 15.48 -26.18
N SER B 536 -23.36 16.04 -25.17
CA SER B 536 -24.65 16.68 -25.40
C SER B 536 -24.52 18.19 -25.61
N ASN B 537 -25.62 18.80 -26.00
CA ASN B 537 -25.77 20.25 -26.09
C ASN B 537 -25.64 20.95 -24.74
N GLU B 538 -25.41 20.16 -23.69
CA GLU B 538 -25.29 20.68 -22.33
C GLU B 538 -23.83 20.63 -21.83
N GLY B 539 -22.95 20.07 -22.66
CA GLY B 539 -21.55 19.95 -22.31
C GLY B 539 -21.30 18.77 -21.38
N VAL B 540 -22.11 17.71 -21.54
CA VAL B 540 -21.98 16.52 -20.71
C VAL B 540 -21.52 15.34 -21.54
N SER B 541 -20.53 14.62 -21.02
CA SER B 541 -19.93 13.48 -21.71
C SER B 541 -20.48 12.16 -21.16
N ILE B 542 -20.81 11.23 -22.03
CA ILE B 542 -21.10 9.86 -21.57
C ILE B 542 -20.21 8.82 -22.26
N TRP B 543 -19.80 7.81 -21.51
CA TRP B 543 -19.01 6.71 -22.03
C TRP B 543 -19.79 5.42 -21.87
N GLY B 544 -19.72 4.54 -22.86
CA GLY B 544 -20.28 3.21 -22.72
C GLY B 544 -19.26 2.18 -23.12
N SER B 545 -19.18 1.10 -22.34
CA SER B 545 -18.33 -0.04 -22.69
C SER B 545 -19.27 -1.23 -22.82
N LYS B 546 -19.26 -1.89 -23.97
CA LYS B 546 -20.16 -3.04 -24.21
C LYS B 546 -19.74 -4.28 -23.41
N LEU B 547 -20.72 -4.80 -22.67
CA LEU B 547 -20.55 -6.02 -21.89
C LEU B 547 -20.65 -7.25 -22.78
N ALA B 548 -19.89 -8.29 -22.44
CA ALA B 548 -19.93 -9.53 -23.19
C ALA B 548 -21.34 -10.07 -23.11
N ASP B 549 -21.83 -10.64 -24.21
CA ASP B 549 -23.19 -11.13 -24.23
C ASP B 549 -23.33 -12.34 -23.31
N LYS B 550 -24.30 -12.28 -22.39
CA LYS B 550 -24.52 -13.35 -21.43
C LYS B 550 -25.98 -13.49 -21.07
N THR B 551 -26.49 -14.71 -20.94
CA THR B 551 -27.87 -14.88 -20.46
C THR B 551 -27.91 -14.75 -18.95
N ASP B 552 -29.03 -14.28 -18.39
CA ASP B 552 -29.22 -14.23 -16.94
C ASP B 552 -28.69 -15.47 -16.22
N GLU B 553 -28.99 -16.64 -16.81
CA GLU B 553 -28.47 -17.93 -16.39
C GLU B 553 -26.94 -17.93 -16.31
N GLU B 554 -26.29 -17.45 -17.37
CA GLU B 554 -24.82 -17.41 -17.37
C GLU B 554 -24.28 -16.38 -16.38
N ILE B 555 -25.08 -15.38 -16.04
CA ILE B 555 -24.63 -14.33 -15.15
C ILE B 555 -24.65 -14.83 -13.71
N VAL B 556 -25.77 -15.40 -13.25
CA VAL B 556 -25.84 -15.88 -11.87
C VAL B 556 -24.78 -16.95 -11.67
N GLU B 557 -24.50 -17.74 -12.69
CA GLU B 557 -23.49 -18.77 -12.57
C GLU B 557 -22.10 -18.16 -12.49
N ASP B 558 -21.87 -17.08 -13.21
CA ASP B 558 -20.59 -16.34 -13.16
C ASP B 558 -20.36 -15.65 -11.81
N VAL B 559 -21.43 -15.07 -11.27
CA VAL B 559 -21.38 -14.45 -9.97
C VAL B 559 -21.03 -15.47 -8.91
N ALA B 560 -21.74 -16.60 -8.91
CA ALA B 560 -21.43 -17.71 -7.99
C ALA B 560 -19.96 -18.07 -8.05
N SER B 561 -19.48 -18.24 -9.28
CA SER B 561 -18.12 -18.66 -9.57
C SER B 561 -17.06 -17.73 -8.98
N ASP B 562 -17.39 -16.44 -8.91
CA ASP B 562 -16.45 -15.38 -8.58
C ASP B 562 -16.61 -14.94 -7.11
N LEU B 563 -17.70 -15.37 -6.50
CA LEU B 563 -18.05 -14.96 -5.14
C LEU B 563 -17.13 -15.54 -4.08
N ASP B 564 -16.23 -14.73 -3.54
CA ASP B 564 -15.27 -15.20 -2.55
C ASP B 564 -15.34 -14.41 -1.23
N LEU B 565 -15.23 -15.12 -0.12
CA LEU B 565 -15.29 -14.49 1.20
C LEU B 565 -13.93 -14.47 1.89
N GLY B 566 -12.97 -15.19 1.30
CA GLY B 566 -11.63 -15.30 1.86
C GLY B 566 -11.44 -16.58 2.65
N ASP B 567 -10.38 -16.65 3.43
CA ASP B 567 -10.19 -17.80 4.30
C ASP B 567 -11.29 -17.80 5.35
N THR B 568 -12.23 -18.75 5.21
CA THR B 568 -13.33 -18.86 6.16
C THR B 568 -13.12 -19.99 7.17
N ASP B 569 -11.91 -20.53 7.22
CA ASP B 569 -11.59 -21.60 8.16
C ASP B 569 -10.89 -21.06 9.42
N HIS B 570 -10.54 -19.78 9.38
CA HIS B 570 -9.90 -19.09 10.49
C HIS B 570 -10.41 -17.67 10.55
N VAL B 571 -11.63 -17.54 11.05
CA VAL B 571 -12.28 -16.25 10.94
C VAL B 571 -12.16 -15.54 12.25
N VAL B 572 -11.57 -14.35 12.24
CA VAL B 572 -11.41 -13.60 13.47
C VAL B 572 -11.88 -12.16 13.31
N SER B 573 -12.25 -11.79 12.10
CA SER B 573 -12.80 -10.46 11.83
C SER B 573 -14.11 -10.59 11.07
N ASN B 574 -14.92 -9.56 11.13
CA ASN B 574 -16.19 -9.54 10.37
C ASN B 574 -16.01 -9.85 8.89
N LEU B 575 -16.93 -10.65 8.34
CA LEU B 575 -16.88 -11.00 6.92
C LEU B 575 -17.65 -9.98 6.09
N HIS B 576 -17.14 -9.66 4.91
CA HIS B 576 -17.90 -8.80 4.01
C HIS B 576 -18.78 -9.63 3.09
N LEU B 577 -20.09 -9.49 3.23
CA LEU B 577 -21.04 -10.18 2.35
C LEU B 577 -21.67 -9.21 1.35
N PRO B 578 -21.20 -9.23 0.11
CA PRO B 578 -21.74 -8.42 -0.98
C PRO B 578 -23.22 -8.71 -1.25
N THR B 579 -24.04 -7.66 -1.35
CA THR B 579 -25.43 -7.86 -1.70
C THR B 579 -25.74 -7.56 -3.17
N GLU B 580 -24.74 -7.19 -3.94
CA GLU B 580 -24.96 -6.92 -5.35
C GLU B 580 -23.83 -7.47 -6.18
N GLY B 581 -24.18 -8.08 -7.31
CA GLY B 581 -23.23 -8.63 -8.24
C GLY B 581 -23.22 -7.78 -9.49
N THR B 582 -22.46 -8.22 -10.48
CA THR B 582 -22.45 -7.55 -11.77
C THR B 582 -23.87 -7.48 -12.35
N ARG B 583 -24.11 -6.44 -13.12
CA ARG B 583 -25.38 -6.25 -13.83
C ARG B 583 -26.58 -6.37 -12.92
N HIS B 584 -26.48 -5.75 -11.75
CA HIS B 584 -27.57 -5.66 -10.79
C HIS B 584 -28.08 -7.02 -10.34
N THR B 585 -27.22 -8.03 -10.38
CA THR B 585 -27.53 -9.30 -9.78
C THR B 585 -27.70 -9.16 -8.27
N VAL B 586 -28.78 -9.70 -7.70
CA VAL B 586 -28.98 -9.64 -6.25
C VAL B 586 -28.25 -10.80 -5.55
N ILE B 587 -27.61 -10.53 -4.42
CA ILE B 587 -27.03 -11.60 -3.59
C ILE B 587 -27.64 -11.56 -2.20
N SER B 588 -28.37 -12.62 -1.85
CA SER B 588 -29.13 -12.65 -0.59
C SER B 588 -28.50 -13.65 0.39
N TRP B 589 -28.30 -13.22 1.62
CA TRP B 589 -27.56 -14.06 2.57
C TRP B 589 -28.41 -14.59 3.71
N THR B 590 -28.18 -15.85 4.06
CA THR B 590 -28.78 -16.41 5.26
C THR B 590 -27.69 -17.04 6.11
N THR B 591 -27.86 -16.97 7.42
CA THR B 591 -26.92 -17.63 8.32
C THR B 591 -27.57 -18.87 8.93
N SER B 592 -26.78 -19.95 9.03
CA SER B 592 -27.27 -21.15 9.69
C SER B 592 -27.42 -20.95 11.19
N ASP B 593 -26.59 -20.06 11.75
CA ASP B 593 -26.50 -19.83 13.19
C ASP B 593 -26.14 -18.36 13.50
N ALA B 594 -27.14 -17.54 13.80
CA ALA B 594 -26.92 -16.12 14.03
C ALA B 594 -26.03 -15.83 15.24
N LYS B 595 -25.89 -16.80 16.12
CA LYS B 595 -25.08 -16.70 17.33
C LYS B 595 -23.58 -16.72 17.01
N VAL B 596 -23.23 -17.37 15.90
CA VAL B 596 -21.85 -17.47 15.39
C VAL B 596 -21.50 -16.35 14.41
N VAL B 597 -22.38 -16.11 13.43
CA VAL B 597 -22.18 -15.04 12.45
C VAL B 597 -23.56 -14.54 12.03
N SER B 598 -23.70 -13.25 11.75
CA SER B 598 -25.02 -12.71 11.45
C SER B 598 -25.32 -12.73 9.96
N GLU B 599 -26.50 -12.27 9.60
CA GLU B 599 -26.95 -12.17 8.21
C GLU B 599 -26.06 -11.31 7.32
N THR B 600 -25.33 -10.37 7.95
CA THR B 600 -24.57 -9.35 7.25
C THR B 600 -23.06 -9.59 7.33
N GLY B 601 -22.67 -10.72 7.92
CA GLY B 601 -21.27 -11.10 8.00
C GLY B 601 -20.61 -10.65 9.29
N VAL B 602 -21.40 -10.24 10.27
CA VAL B 602 -20.85 -9.81 11.56
C VAL B 602 -20.52 -11.02 12.43
N VAL B 603 -19.24 -11.38 12.55
CA VAL B 603 -18.86 -12.55 13.34
C VAL B 603 -18.84 -12.28 14.84
N HIS B 604 -19.12 -13.33 15.62
CA HIS B 604 -19.07 -13.28 17.08
C HIS B 604 -18.14 -14.34 17.63
N ARG B 605 -16.98 -13.91 18.10
CA ARG B 605 -15.99 -14.85 18.60
C ARG B 605 -16.40 -15.32 19.99
N PRO B 606 -16.21 -16.61 20.26
CA PRO B 606 -16.42 -17.16 21.62
C PRO B 606 -15.37 -16.67 22.63
N GLU B 607 -15.76 -16.66 23.91
CA GLU B 607 -14.86 -16.25 24.99
C GLU B 607 -13.59 -17.09 25.01
N VAL B 608 -12.52 -16.52 25.54
CA VAL B 608 -11.24 -17.22 25.63
C VAL B 608 -11.37 -18.57 26.40
N GLY B 609 -10.71 -19.59 25.89
CA GLY B 609 -10.83 -20.92 26.46
C GLY B 609 -12.05 -21.63 25.92
N SER B 610 -12.26 -21.50 24.63
CA SER B 610 -13.41 -22.10 23.97
C SER B 610 -12.97 -22.97 22.81
N ALA B 611 -13.89 -23.79 22.33
CA ALA B 611 -13.61 -24.53 21.12
C ALA B 611 -14.01 -23.65 19.95
N PRO B 612 -13.33 -23.78 18.80
CA PRO B 612 -13.77 -23.02 17.64
C PRO B 612 -15.18 -23.41 17.26
N VAL B 613 -15.86 -22.50 16.58
CA VAL B 613 -17.29 -22.59 16.45
C VAL B 613 -17.65 -22.43 14.95
N THR B 614 -18.66 -23.14 14.48
CA THR B 614 -18.96 -23.10 13.03
C THR B 614 -20.41 -22.73 12.66
N ALA B 615 -20.55 -22.05 11.52
CA ALA B 615 -21.86 -21.83 10.91
C ALA B 615 -21.72 -21.84 9.42
N THR B 616 -22.86 -21.90 8.74
CA THR B 616 -22.90 -21.90 7.29
C THR B 616 -23.59 -20.65 6.74
N LEU B 617 -22.88 -19.96 5.86
CA LEU B 617 -23.43 -18.78 5.19
C LEU B 617 -23.87 -19.20 3.80
N THR B 618 -25.13 -18.95 3.48
CA THR B 618 -25.65 -19.30 2.15
C THR B 618 -25.99 -18.05 1.33
N ALA B 619 -25.45 -17.99 0.13
CA ALA B 619 -25.78 -16.91 -0.80
C ALA B 619 -26.78 -17.38 -1.87
N THR B 620 -27.90 -16.69 -1.96
CA THR B 620 -28.80 -16.97 -3.05
C THR B 620 -28.68 -15.85 -4.08
N ILE B 621 -28.26 -16.23 -5.28
CA ILE B 621 -27.94 -15.28 -6.35
C ILE B 621 -29.06 -15.22 -7.41
N THR B 622 -29.72 -14.06 -7.53
CA THR B 622 -30.75 -13.94 -8.55
C THR B 622 -30.51 -12.82 -9.57
N LYS B 623 -30.68 -13.16 -10.86
CA LYS B 623 -30.71 -12.18 -11.94
C LYS B 623 -31.87 -12.52 -12.89
N GLY B 624 -32.86 -11.65 -12.93
CA GLY B 624 -34.03 -11.91 -13.76
C GLY B 624 -34.79 -13.18 -13.35
N ASP B 625 -34.74 -14.19 -14.22
CA ASP B 625 -35.47 -15.44 -13.99
C ASP B 625 -34.55 -16.57 -13.51
N ALA B 626 -33.29 -16.23 -13.31
CA ALA B 626 -32.28 -17.22 -12.98
C ALA B 626 -31.92 -17.23 -11.49
N THR B 627 -31.53 -18.40 -10.98
CA THR B 627 -31.08 -18.53 -9.60
C THR B 627 -29.81 -19.36 -9.50
N ALA B 628 -28.91 -18.98 -8.60
CA ALA B 628 -27.85 -19.90 -8.22
C ALA B 628 -27.70 -19.87 -6.71
N THR B 629 -26.99 -20.86 -6.18
CA THR B 629 -26.77 -20.97 -4.75
C THR B 629 -25.29 -21.23 -4.48
N LYS B 630 -24.73 -20.60 -3.45
CA LYS B 630 -23.38 -20.96 -3.00
C LYS B 630 -23.33 -20.93 -1.47
N VAL B 631 -22.81 -22.01 -0.89
CA VAL B 631 -22.71 -22.13 0.56
C VAL B 631 -21.27 -21.97 1.00
N PHE B 632 -21.08 -21.28 2.13
CA PHE B 632 -19.75 -21.13 2.72
C PHE B 632 -19.75 -21.71 4.12
N HIS B 633 -18.85 -22.66 4.35
CA HIS B 633 -18.74 -23.22 5.69
C HIS B 633 -17.70 -22.42 6.45
N ILE B 634 -18.18 -21.78 7.50
CA ILE B 634 -17.42 -20.81 8.27
C ILE B 634 -16.94 -21.44 9.58
N THR B 635 -15.64 -21.37 9.85
CA THR B 635 -15.11 -21.65 11.20
C THR B 635 -14.60 -20.36 11.86
N VAL B 636 -15.23 -19.99 12.96
CA VAL B 636 -14.88 -18.80 13.74
C VAL B 636 -14.01 -19.16 14.96
N LEU B 637 -12.83 -18.53 15.06
CA LEU B 637 -11.87 -18.76 16.15
C LEU B 637 -12.18 -17.96 17.39
N PRO B 638 -12.05 -18.57 18.58
CA PRO B 638 -12.29 -17.77 19.79
C PRO B 638 -11.14 -16.81 20.06
N TYR B 639 -11.37 -15.92 21.01
CA TYR B 639 -10.44 -14.87 21.40
C TYR B 639 -9.03 -15.33 21.85
#